data_9KWI
#
_entry.id   9KWI
#
_cell.length_a   1.00
_cell.length_b   1.00
_cell.length_c   1.00
_cell.angle_alpha   90.00
_cell.angle_beta   90.00
_cell.angle_gamma   90.00
#
_symmetry.space_group_name_H-M   'P 1'
#
loop_
_entity.id
_entity.type
_entity.pdbx_description
1 polymer 'ABC transporter, ATP-binding protein'
2 polymer 'ABC transporter'
3 non-polymer "ADENOSINE-5'-TRIPHOSPHATE"
4 non-polymer 'MAGNESIUM ION'
#
loop_
_entity_poly.entity_id
_entity_poly.type
_entity_poly.pdbx_seq_one_letter_code
_entity_poly.pdbx_strand_id
1 'polypeptide(L)'
;SNMLWALLRQYVRPYRWLLAVVAVLQVISNMASLYLPTVNAAIIDDGVAKGDTARIVELGAVMLGVTALQVVCAVGAVFF
GARAATGFGHDLRAAVFTHVTTFSAEEAGRFGAASLLTRTTNDVGHIQQLVQLTVTMLITAPIMSIGGIFMALHQDAGLS
WLLLVSVPVLGLANYWIIRHLMPVFTRMQSLIDGINRVLRDQLSGIRVIRAFAREPLERVRFAEANQTLSDSALEAGRWQ
ALMLPVTTLVINVSSVALIWFGGLRIDAGQMQVGSLIAFLAYFMQILMAVLMATFMLVIFPRAAVCADRIGEVLSTQTAI
TNPADPVRPAAIAGDIGVHDATFCYPGADRPVLQDVSFTVPRGTTTAVVGSTGSGKSTLISLICRLYDVTSGSLRIDGVD
VRDLDIEQLWSAIGLVPQRGYLFSGTVAENLRYGRADATDDEMWEALRVAAAADFVRAHPQGLDMPVAQGGINFSGGQRQ
RLAIARAVIRRPAIYLFDDAFSALDVHTDARVRDALREVAADATVVIVSQRISTVIEADQVVVIDDGRVVGIGTHDTLLA
DCPIYAEFAESQAL
;
A
2 'polypeptide(L)'
;TRDFKGSAIRLARRLLPQRALTLAVILLGVGGIAIGVIGPRILGHATDLLFNGVIGRELPAGLTKEQAVEAARARGDGTF
ADLLSGMDIVPGQGVDFGAVGRTLALALGLYLVAALLVWVQARLLNVTVQRTMVALRAEVQEKIHRLPLSYFDSRQRGEV
LSRVTNDVDNIQNSVSMTISQLLTSVLTVFAVLVMMLTISPLLTLFTVVTVPASLWVTRWITRRSQPLFVAQWRNTGRLA
AHLEETYSGFTIVKTFGHREAAAGKFAELNSETQQSSFGAQFFSGLVSPATMFIGNLSYVAVAVVGGLQVATGQITLGSI
QAFIQYVRQFNQPLTQVAGMYNTLQSGIASAERVFDLLDTEEESADSPRRADVRTGRVEFEHVSFSYVPGTPVIEDLSLV
AEPGSTVAIVGPTGAGKTTLVNLLMRFYDVDSGRITIDGVDIASVSRESLRASIGMVLQDTWLFAGTIYDNIAYGRPDAD
EDEVIEAATAAYVDRFVHTLPNGYDTRVDDDGGAISAGEKQLITIARAVLARPKLLVLDQATSSVDTRTELLIAHAMAEL
RRDRTSFIIAHRLSTIRDADLILVMDSGRIIERGTHEELLARHGRYWEMTRVHLGG
;
B
#
# COMPACT_ATOMS: atom_id res chain seq x y z
N SER A 1 -20.24 -5.23 8.03
CA SER A 1 -19.21 -6.10 8.59
C SER A 1 -19.63 -7.57 8.50
N ASN A 2 -20.48 -7.89 7.53
CA ASN A 2 -20.89 -9.27 7.33
C ASN A 2 -19.75 -10.11 6.78
N MET A 3 -18.92 -9.53 5.91
CA MET A 3 -17.84 -10.29 5.30
C MET A 3 -16.68 -10.52 6.27
N LEU A 4 -16.47 -9.60 7.23
CA LEU A 4 -15.45 -9.81 8.25
C LEU A 4 -15.67 -11.12 8.99
N TRP A 5 -16.88 -11.32 9.51
CA TRP A 5 -17.13 -12.50 10.33
C TRP A 5 -16.93 -13.78 9.53
N ALA A 6 -17.37 -13.78 8.26
CA ALA A 6 -17.21 -14.96 7.43
C ALA A 6 -15.73 -15.28 7.21
N LEU A 7 -14.93 -14.27 6.89
CA LEU A 7 -13.51 -14.49 6.64
C LEU A 7 -12.79 -14.99 7.89
N LEU A 8 -13.04 -14.35 9.03
CA LEU A 8 -12.43 -14.81 10.28
C LEU A 8 -12.86 -16.23 10.61
N ARG A 9 -14.16 -16.53 10.52
CA ARG A 9 -14.64 -17.86 10.85
C ARG A 9 -14.03 -18.91 9.93
N GLN A 10 -13.84 -18.57 8.65
CA GLN A 10 -13.29 -19.55 7.72
C GLN A 10 -11.80 -19.76 7.92
N TYR A 11 -11.05 -18.69 8.17
CA TYR A 11 -9.59 -18.77 8.11
C TYR A 11 -8.91 -18.71 9.48
N VAL A 12 -9.67 -18.76 10.58
CA VAL A 12 -9.08 -18.91 11.90
C VAL A 12 -9.43 -20.24 12.54
N ARG A 13 -10.30 -21.03 11.93
CA ARG A 13 -10.69 -22.33 12.50
C ARG A 13 -9.50 -23.26 12.75
N PRO A 14 -8.50 -23.38 11.86
CA PRO A 14 -7.35 -24.23 12.20
C PRO A 14 -6.56 -23.76 13.40
N TYR A 15 -6.72 -22.50 13.82
CA TYR A 15 -5.98 -21.93 14.94
C TYR A 15 -6.89 -21.67 16.13
N ARG A 16 -8.06 -22.31 16.16
CA ARG A 16 -9.01 -22.08 17.25
C ARG A 16 -8.48 -22.60 18.59
N TRP A 17 -7.69 -23.68 18.60
CA TRP A 17 -7.15 -24.17 19.86
C TRP A 17 -6.05 -23.26 20.38
N LEU A 18 -5.22 -22.72 19.50
CA LEU A 18 -4.28 -21.69 19.93
C LEU A 18 -5.00 -20.45 20.44
N LEU A 19 -6.12 -20.07 19.83
CA LEU A 19 -6.91 -18.97 20.35
C LEU A 19 -7.46 -19.27 21.74
N ALA A 20 -7.93 -20.49 21.96
CA ALA A 20 -8.43 -20.86 23.28
C ALA A 20 -7.32 -20.85 24.32
N VAL A 21 -6.13 -21.33 23.94
CA VAL A 21 -4.99 -21.28 24.85
C VAL A 21 -4.64 -19.84 25.20
N VAL A 22 -4.65 -18.96 24.18
CA VAL A 22 -4.41 -17.53 24.44
C VAL A 22 -5.45 -16.98 25.40
N ALA A 23 -6.72 -17.36 25.20
CA ALA A 23 -7.78 -16.84 26.05
C ALA A 23 -7.59 -17.27 27.50
N VAL A 24 -7.32 -18.56 27.73
CA VAL A 24 -7.19 -19.03 29.11
C VAL A 24 -5.95 -18.43 29.76
N LEU A 25 -4.84 -18.33 29.01
CA LEU A 25 -3.63 -17.74 29.58
C LEU A 25 -3.84 -16.27 29.92
N GLN A 26 -4.56 -15.53 29.06
CA GLN A 26 -4.85 -14.14 29.35
C GLN A 26 -5.75 -14.01 30.58
N VAL A 27 -6.73 -14.90 30.73
CA VAL A 27 -7.57 -14.89 31.92
C VAL A 27 -6.72 -15.12 33.16
N ILE A 28 -5.81 -16.08 33.12
CA ILE A 28 -4.98 -16.37 34.28
C ILE A 28 -4.10 -15.17 34.62
N SER A 29 -3.48 -14.56 33.60
CA SER A 29 -2.59 -13.43 33.84
C SER A 29 -3.35 -12.25 34.41
N ASN A 30 -4.53 -11.94 33.87
CA ASN A 30 -5.32 -10.84 34.38
C ASN A 30 -5.82 -11.13 35.80
N MET A 31 -6.15 -12.39 36.09
CA MET A 31 -6.55 -12.74 37.45
C MET A 31 -5.41 -12.55 38.43
N ALA A 32 -4.19 -12.93 38.03
CA ALA A 32 -3.03 -12.68 38.88
C ALA A 32 -2.80 -11.19 39.09
N SER A 33 -2.93 -10.40 38.02
CA SER A 33 -2.72 -8.96 38.12
C SER A 33 -3.75 -8.30 39.04
N LEU A 34 -5.00 -8.77 39.00
CA LEU A 34 -6.02 -8.25 39.90
C LEU A 34 -5.96 -8.87 41.29
N TYR A 35 -5.26 -10.00 41.45
CA TYR A 35 -5.15 -10.63 42.75
C TYR A 35 -4.00 -10.08 43.57
N LEU A 36 -2.99 -9.51 42.92
CA LEU A 36 -1.92 -8.83 43.65
C LEU A 36 -2.46 -7.75 44.61
N PRO A 37 -3.37 -6.86 44.20
CA PRO A 37 -3.95 -5.93 45.18
C PRO A 37 -4.71 -6.61 46.29
N THR A 38 -5.31 -7.78 46.04
CA THR A 38 -5.97 -8.51 47.10
C THR A 38 -4.97 -8.94 48.17
N VAL A 39 -3.78 -9.39 47.75
CA VAL A 39 -2.74 -9.72 48.71
C VAL A 39 -2.25 -8.47 49.43
N ASN A 40 -2.20 -7.34 48.74
CA ASN A 40 -1.85 -6.09 49.41
C ASN A 40 -2.87 -5.75 50.50
N ALA A 41 -4.15 -5.92 50.18
CA ALA A 41 -5.20 -5.68 51.17
C ALA A 41 -5.08 -6.66 52.35
N ALA A 42 -4.73 -7.91 52.06
CA ALA A 42 -4.51 -8.89 53.12
C ALA A 42 -3.36 -8.46 54.02
N ILE A 43 -2.30 -7.92 53.44
CA ILE A 43 -1.19 -7.39 54.25
C ILE A 43 -1.69 -6.25 55.13
N ILE A 44 -2.48 -5.34 54.56
CA ILE A 44 -2.92 -4.18 55.33
C ILE A 44 -3.85 -4.62 56.47
N ASP A 45 -4.67 -5.64 56.23
CA ASP A 45 -5.69 -6.01 57.21
C ASP A 45 -5.13 -7.00 58.23
N ASP A 46 -4.59 -8.12 57.77
CA ASP A 46 -4.05 -9.15 58.66
C ASP A 46 -2.62 -8.86 59.10
N GLY A 47 -2.03 -7.76 58.68
CA GLY A 47 -0.65 -7.44 58.98
C GLY A 47 -0.51 -6.28 59.93
N VAL A 48 -0.28 -5.09 59.38
CA VAL A 48 0.03 -3.91 60.19
C VAL A 48 -1.05 -3.66 61.23
N ALA A 49 -2.31 -3.93 60.89
CA ALA A 49 -3.39 -3.78 61.86
C ALA A 49 -3.21 -4.75 63.02
N LYS A 50 -2.87 -6.01 62.72
CA LYS A 50 -2.62 -6.98 63.78
C LYS A 50 -1.24 -6.78 64.40
N GLY A 51 -0.26 -6.40 63.59
CA GLY A 51 1.10 -6.24 64.06
C GLY A 51 1.94 -7.49 63.86
N ASP A 52 1.75 -8.15 62.71
CA ASP A 52 2.42 -9.41 62.40
C ASP A 52 3.29 -9.21 61.16
N THR A 53 4.60 -9.06 61.37
CA THR A 53 5.51 -8.93 60.23
C THR A 53 5.68 -10.24 59.48
N ALA A 54 5.58 -11.38 60.18
CA ALA A 54 5.71 -12.67 59.52
C ALA A 54 4.61 -12.87 58.50
N ARG A 55 3.38 -12.46 58.82
CA ARG A 55 2.29 -12.53 57.85
C ARG A 55 2.59 -11.65 56.65
N ILE A 56 3.17 -10.46 56.87
CA ILE A 56 3.51 -9.58 55.78
C ILE A 56 4.52 -10.25 54.84
N VAL A 57 5.55 -10.88 55.42
CA VAL A 57 6.57 -11.55 54.60
C VAL A 57 5.96 -12.72 53.84
N GLU A 58 5.09 -13.49 54.50
CA GLU A 58 4.46 -14.63 53.84
C GLU A 58 3.61 -14.16 52.66
N LEU A 59 2.83 -13.10 52.86
CA LEU A 59 2.01 -12.58 51.77
C LEU A 59 2.87 -11.95 50.67
N GLY A 60 4.04 -11.43 51.04
CA GLY A 60 4.98 -10.98 50.01
C GLY A 60 5.49 -12.13 49.15
N ALA A 61 5.76 -13.27 49.78
CA ALA A 61 6.14 -14.46 49.02
C ALA A 61 5.00 -14.90 48.10
N VAL A 62 3.76 -14.84 48.61
CA VAL A 62 2.61 -15.17 47.78
C VAL A 62 2.52 -14.23 46.59
N MET A 63 2.76 -12.94 46.82
CA MET A 63 2.74 -11.98 45.71
C MET A 63 3.84 -12.27 44.70
N LEU A 64 5.02 -12.69 45.18
CA LEU A 64 6.09 -13.06 44.26
C LEU A 64 5.68 -14.22 43.37
N GLY A 65 5.05 -15.24 43.97
CA GLY A 65 4.54 -16.34 43.17
C GLY A 65 3.49 -15.88 42.16
N VAL A 66 2.61 -14.97 42.57
CA VAL A 66 1.59 -14.45 41.68
C VAL A 66 2.22 -13.71 40.50
N THR A 67 3.25 -12.91 40.77
CA THR A 67 3.93 -12.18 39.69
C THR A 67 4.62 -13.13 38.74
N ALA A 68 5.25 -14.18 39.27
CA ALA A 68 5.87 -15.18 38.39
C ALA A 68 4.83 -15.84 37.49
N LEU A 69 3.69 -16.21 38.06
CA LEU A 69 2.61 -16.78 37.26
C LEU A 69 2.14 -15.80 36.20
N GLN A 70 2.03 -14.53 36.57
CA GLN A 70 1.57 -13.49 35.65
C GLN A 70 2.50 -13.38 34.45
N VAL A 71 3.82 -13.29 34.70
CA VAL A 71 4.75 -13.11 33.59
C VAL A 71 4.80 -14.36 32.73
N VAL A 72 4.75 -15.55 33.34
CA VAL A 72 4.78 -16.78 32.55
C VAL A 72 3.56 -16.85 31.64
N CYS A 73 2.37 -16.58 32.18
CA CYS A 73 1.16 -16.63 31.38
C CYS A 73 1.05 -15.50 30.37
N ALA A 74 1.72 -14.37 30.60
CA ALA A 74 1.73 -13.32 29.59
C ALA A 74 2.63 -13.69 28.42
N VAL A 75 3.81 -14.24 28.70
CA VAL A 75 4.71 -14.67 27.62
C VAL A 75 4.06 -15.80 26.83
N GLY A 76 3.44 -16.77 27.52
CA GLY A 76 2.76 -17.84 26.85
C GLY A 76 1.60 -17.42 25.98
N ALA A 77 0.89 -16.36 26.38
CA ALA A 77 -0.16 -15.80 25.55
C ALA A 77 0.37 -15.02 24.35
N VAL A 78 1.44 -14.25 24.53
CA VAL A 78 2.03 -13.51 23.42
C VAL A 78 2.52 -14.47 22.34
N PHE A 79 3.21 -15.54 22.73
CA PHE A 79 3.75 -16.47 21.75
C PHE A 79 2.65 -17.07 20.88
N PHE A 80 1.61 -17.63 21.51
CA PHE A 80 0.53 -18.25 20.77
C PHE A 80 -0.30 -17.24 19.98
N GLY A 81 -0.48 -16.03 20.50
CA GLY A 81 -1.18 -15.01 19.75
C GLY A 81 -0.45 -14.64 18.47
N ALA A 82 0.88 -14.50 18.57
CA ALA A 82 1.67 -14.23 17.37
C ALA A 82 1.57 -15.39 16.38
N ARG A 83 1.66 -16.62 16.88
CA ARG A 83 1.51 -17.79 16.01
C ARG A 83 0.19 -17.75 15.25
N ALA A 84 -0.91 -17.55 15.99
CA ALA A 84 -2.23 -17.57 15.36
C ALA A 84 -2.40 -16.44 14.35
N ALA A 85 -1.95 -15.23 14.71
CA ALA A 85 -2.11 -14.10 13.80
C ALA A 85 -1.33 -14.30 12.51
N THR A 86 -0.06 -14.72 12.63
CA THR A 86 0.74 -14.92 11.42
C THR A 86 0.21 -16.07 10.58
N GLY A 87 -0.25 -17.14 11.23
CA GLY A 87 -0.84 -18.24 10.47
C GLY A 87 -2.08 -17.83 9.72
N PHE A 88 -2.96 -17.05 10.37
CA PHE A 88 -4.16 -16.58 9.70
C PHE A 88 -3.81 -15.70 8.50
N GLY A 89 -2.86 -14.78 8.69
CA GLY A 89 -2.48 -13.91 7.59
C GLY A 89 -1.89 -14.66 6.42
N HIS A 90 -0.98 -15.60 6.71
CA HIS A 90 -0.35 -16.38 5.65
C HIS A 90 -1.38 -17.23 4.90
N ASP A 91 -2.29 -17.88 5.64
CA ASP A 91 -3.30 -18.69 4.99
C ASP A 91 -4.24 -17.85 4.13
N LEU A 92 -4.66 -16.68 4.61
CA LEU A 92 -5.53 -15.83 3.82
C LEU A 92 -4.83 -15.34 2.56
N ARG A 93 -3.55 -14.98 2.66
CA ARG A 93 -2.81 -14.56 1.47
C ARG A 93 -2.70 -15.70 0.47
N ALA A 94 -2.38 -16.91 0.95
CA ALA A 94 -2.26 -18.07 0.08
C ALA A 94 -3.56 -18.46 -0.57
N ALA A 95 -4.70 -18.25 0.11
CA ALA A 95 -5.99 -18.48 -0.50
C ALA A 95 -6.37 -17.44 -1.54
N VAL A 96 -6.12 -16.16 -1.24
CA VAL A 96 -6.43 -15.11 -2.22
C VAL A 96 -5.59 -15.28 -3.48
N PHE A 97 -4.30 -15.58 -3.34
CA PHE A 97 -3.47 -15.81 -4.52
C PHE A 97 -3.95 -17.01 -5.32
N THR A 98 -4.26 -18.11 -4.64
CA THR A 98 -4.69 -19.31 -5.34
C THR A 98 -6.00 -19.08 -6.07
N HIS A 99 -6.88 -18.26 -5.50
CA HIS A 99 -8.11 -17.92 -6.22
C HIS A 99 -7.83 -17.03 -7.42
N VAL A 100 -6.96 -16.03 -7.26
CA VAL A 100 -6.71 -15.09 -8.36
C VAL A 100 -6.02 -15.78 -9.52
N THR A 101 -5.12 -16.73 -9.25
CA THR A 101 -4.43 -17.41 -10.35
C THR A 101 -5.37 -18.25 -11.22
N THR A 102 -6.59 -18.52 -10.77
CA THR A 102 -7.58 -19.19 -11.59
C THR A 102 -8.46 -18.22 -12.38
N PHE A 103 -8.24 -16.93 -12.22
CA PHE A 103 -9.03 -15.93 -12.94
C PHE A 103 -8.75 -15.99 -14.43
N SER A 104 -9.72 -15.54 -15.21
CA SER A 104 -9.56 -15.39 -16.65
C SER A 104 -9.15 -13.96 -16.95
N ALA A 105 -9.09 -13.60 -18.24
CA ALA A 105 -8.78 -12.23 -18.61
C ALA A 105 -9.86 -11.26 -18.14
N GLU A 106 -11.13 -11.63 -18.33
CA GLU A 106 -12.23 -10.76 -17.94
C GLU A 106 -12.31 -10.62 -16.43
N GLU A 107 -12.16 -11.72 -15.69
CA GLU A 107 -12.23 -11.67 -14.24
C GLU A 107 -11.12 -10.81 -13.66
N ALA A 108 -9.90 -10.96 -14.18
CA ALA A 108 -8.80 -10.12 -13.72
C ALA A 108 -9.02 -8.66 -14.11
N GLY A 109 -9.57 -8.42 -15.31
CA GLY A 109 -9.83 -7.06 -15.74
C GLY A 109 -10.93 -6.39 -14.93
N ARG A 110 -11.80 -7.18 -14.31
CA ARG A 110 -12.82 -6.60 -13.44
C ARG A 110 -12.20 -5.77 -12.31
N PHE A 111 -11.12 -6.26 -11.71
CA PHE A 111 -10.46 -5.59 -10.60
C PHE A 111 -9.19 -4.85 -11.00
N GLY A 112 -8.41 -5.40 -11.91
CA GLY A 112 -7.17 -4.77 -12.31
C GLY A 112 -5.96 -5.40 -11.65
N ALA A 113 -4.81 -5.26 -12.29
CA ALA A 113 -3.59 -5.89 -11.81
C ALA A 113 -3.02 -5.22 -10.56
N ALA A 114 -3.49 -4.02 -10.21
CA ALA A 114 -3.03 -3.31 -9.03
C ALA A 114 -3.96 -3.48 -7.84
N SER A 115 -5.28 -3.49 -8.08
CA SER A 115 -6.22 -3.73 -6.99
C SER A 115 -6.03 -5.12 -6.41
N LEU A 116 -5.76 -6.11 -7.25
CA LEU A 116 -5.49 -7.46 -6.75
C LEU A 116 -4.24 -7.49 -5.88
N LEU A 117 -3.19 -6.77 -6.28
CA LEU A 117 -1.99 -6.71 -5.46
C LEU A 117 -2.27 -6.05 -4.12
N THR A 118 -3.02 -4.94 -4.12
CA THR A 118 -3.33 -4.27 -2.86
C THR A 118 -4.27 -5.08 -1.98
N ARG A 119 -5.10 -5.94 -2.57
CA ARG A 119 -6.00 -6.79 -1.82
C ARG A 119 -5.36 -8.08 -1.33
N THR A 120 -4.27 -8.50 -1.96
CA THR A 120 -3.55 -9.70 -1.54
C THR A 120 -2.69 -9.51 -0.30
N THR A 121 -2.09 -8.33 -0.12
CA THR A 121 -1.17 -8.10 0.99
C THR A 121 -1.72 -7.10 2.01
N ASN A 122 -2.04 -5.89 1.58
CA ASN A 122 -2.45 -4.84 2.51
C ASN A 122 -3.87 -5.06 3.03
N ASP A 123 -4.71 -5.77 2.30
CA ASP A 123 -6.04 -6.10 2.80
C ASP A 123 -6.04 -7.27 3.77
N VAL A 124 -5.06 -8.16 3.64
CA VAL A 124 -4.93 -9.25 4.61
C VAL A 124 -4.20 -8.79 5.86
N GLY A 125 -3.27 -7.85 5.71
CA GLY A 125 -2.59 -7.31 6.87
C GLY A 125 -3.53 -6.58 7.81
N HIS A 126 -4.50 -5.84 7.24
CA HIS A 126 -5.44 -5.09 8.06
C HIS A 126 -6.44 -5.98 8.78
N ILE A 127 -6.51 -7.26 8.41
CA ILE A 127 -7.34 -8.21 9.15
C ILE A 127 -6.51 -9.02 10.15
N GLN A 128 -5.28 -9.37 9.78
CA GLN A 128 -4.39 -10.02 10.74
C GLN A 128 -4.06 -9.07 11.89
N GLN A 129 -4.04 -7.76 11.64
CA GLN A 129 -3.88 -6.79 12.71
C GLN A 129 -5.06 -6.85 13.68
N LEU A 130 -6.28 -6.96 13.14
CA LEU A 130 -7.45 -7.14 14.01
C LEU A 130 -7.35 -8.42 14.81
N VAL A 131 -6.87 -9.49 14.17
CA VAL A 131 -6.71 -10.77 14.87
C VAL A 131 -5.77 -10.60 16.05
N GLN A 132 -4.61 -9.98 15.82
CA GLN A 132 -3.64 -9.81 16.90
C GLN A 132 -4.17 -8.90 18.00
N LEU A 133 -4.80 -7.78 17.62
CA LEU A 133 -5.31 -6.85 18.62
C LEU A 133 -6.51 -7.40 19.37
N THR A 134 -7.19 -8.41 18.81
CA THR A 134 -8.26 -9.08 19.55
C THR A 134 -7.70 -10.13 20.49
N VAL A 135 -6.70 -10.90 20.07
CA VAL A 135 -6.08 -11.90 20.95
C VAL A 135 -5.14 -11.27 21.97
N THR A 136 -4.85 -9.97 21.86
CA THR A 136 -3.93 -9.31 22.77
C THR A 136 -4.59 -8.30 23.69
N MET A 137 -5.41 -7.40 23.16
CA MET A 137 -5.98 -6.31 23.94
C MET A 137 -7.50 -6.30 23.98
N LEU A 138 -8.16 -6.48 22.83
CA LEU A 138 -9.62 -6.43 22.81
C LEU A 138 -10.24 -7.49 23.71
N ILE A 139 -9.54 -8.61 23.93
CA ILE A 139 -10.02 -9.60 24.88
C ILE A 139 -9.70 -9.22 26.32
N THR A 140 -8.75 -8.31 26.55
CA THR A 140 -8.40 -7.94 27.91
C THR A 140 -9.53 -7.19 28.60
N ALA A 141 -10.21 -6.30 27.87
CA ALA A 141 -11.25 -5.48 28.50
C ALA A 141 -12.38 -6.30 29.10
N PRO A 142 -13.00 -7.26 28.39
CA PRO A 142 -14.03 -8.08 29.04
C PRO A 142 -13.47 -8.95 30.16
N ILE A 143 -12.33 -9.60 29.92
CA ILE A 143 -11.74 -10.44 30.96
C ILE A 143 -11.45 -9.63 32.21
N MET A 144 -10.77 -8.49 32.04
CA MET A 144 -10.43 -7.66 33.19
C MET A 144 -11.67 -7.09 33.87
N SER A 145 -12.66 -6.63 33.11
CA SER A 145 -13.87 -6.08 33.70
C SER A 145 -14.63 -7.11 34.54
N ILE A 146 -14.93 -8.27 33.95
CA ILE A 146 -15.69 -9.29 34.67
C ILE A 146 -14.88 -9.82 35.86
N GLY A 147 -13.59 -10.07 35.66
CA GLY A 147 -12.77 -10.51 36.76
C GLY A 147 -12.65 -9.51 37.89
N GLY A 148 -12.52 -8.22 37.59
CA GLY A 148 -12.51 -7.20 38.60
C GLY A 148 -13.84 -7.08 39.32
N ILE A 149 -14.95 -7.24 38.60
CA ILE A 149 -16.25 -7.25 39.27
C ILE A 149 -16.33 -8.41 40.26
N PHE A 150 -15.89 -9.60 39.84
CA PHE A 150 -15.91 -10.75 40.73
C PHE A 150 -14.99 -10.55 41.92
N MET A 151 -13.80 -9.99 41.69
CA MET A 151 -12.84 -9.78 42.77
C MET A 151 -13.33 -8.71 43.75
N ALA A 152 -14.01 -7.68 43.24
CA ALA A 152 -14.60 -6.68 44.12
C ALA A 152 -15.73 -7.27 44.96
N LEU A 153 -16.55 -8.12 44.35
CA LEU A 153 -17.57 -8.84 45.12
C LEU A 153 -16.95 -9.76 46.16
N HIS A 154 -15.80 -10.36 45.87
CA HIS A 154 -15.07 -11.18 46.83
C HIS A 154 -14.53 -10.35 47.98
N GLN A 155 -13.91 -9.21 47.68
CA GLN A 155 -13.28 -8.39 48.72
C GLN A 155 -14.31 -7.87 49.71
N ASP A 156 -15.37 -7.24 49.23
CA ASP A 156 -16.45 -6.77 50.09
C ASP A 156 -17.67 -6.53 49.22
N ALA A 157 -18.71 -7.35 49.41
CA ALA A 157 -19.92 -7.21 48.61
C ALA A 157 -20.69 -5.93 48.92
N GLY A 158 -20.45 -5.33 50.09
CA GLY A 158 -21.19 -4.13 50.46
C GLY A 158 -20.89 -2.96 49.55
N LEU A 159 -19.64 -2.83 49.11
CA LEU A 159 -19.21 -1.71 48.28
C LEU A 159 -19.07 -2.10 46.81
N SER A 160 -19.59 -3.28 46.43
CA SER A 160 -19.57 -3.69 45.04
C SER A 160 -20.55 -2.92 44.17
N TRP A 161 -21.51 -2.21 44.78
CA TRP A 161 -22.43 -1.39 44.01
C TRP A 161 -21.69 -0.30 43.24
N LEU A 162 -20.67 0.29 43.87
CA LEU A 162 -19.83 1.26 43.17
C LEU A 162 -19.24 0.65 41.91
N LEU A 163 -18.38 -0.37 42.08
CA LEU A 163 -17.72 -0.99 40.94
C LEU A 163 -18.70 -1.55 39.91
N LEU A 164 -19.94 -1.83 40.31
CA LEU A 164 -20.96 -2.31 39.39
C LEU A 164 -21.75 -1.19 38.72
N VAL A 165 -21.66 0.04 39.22
CA VAL A 165 -22.35 1.17 38.62
C VAL A 165 -21.40 2.04 37.79
N SER A 166 -20.17 2.24 38.28
CA SER A 166 -19.21 3.07 37.59
C SER A 166 -18.85 2.49 36.22
N VAL A 167 -18.66 1.17 36.14
CA VAL A 167 -18.30 0.56 34.86
C VAL A 167 -19.37 0.77 33.79
N PRO A 168 -20.67 0.61 34.07
CA PRO A 168 -21.68 0.92 33.04
C PRO A 168 -21.63 2.36 32.55
N VAL A 169 -21.31 3.33 33.41
CA VAL A 169 -21.21 4.72 32.95
C VAL A 169 -20.10 4.87 31.92
N LEU A 170 -18.94 4.30 32.22
CA LEU A 170 -17.84 4.33 31.26
C LEU A 170 -18.20 3.58 29.98
N GLY A 171 -18.87 2.45 30.11
CA GLY A 171 -19.28 1.70 28.94
C GLY A 171 -20.21 2.49 28.04
N LEU A 172 -21.19 3.16 28.63
CA LEU A 172 -22.12 3.97 27.85
C LEU A 172 -21.43 5.17 27.22
N ALA A 173 -20.55 5.85 27.97
CA ALA A 173 -19.85 7.00 27.40
C ALA A 173 -18.97 6.58 26.23
N ASN A 174 -18.21 5.49 26.39
CA ASN A 174 -17.37 5.00 25.31
C ASN A 174 -18.19 4.47 24.15
N TYR A 175 -19.36 3.90 24.42
CA TYR A 175 -20.24 3.47 23.34
C TYR A 175 -20.75 4.66 22.54
N TRP A 176 -21.11 5.75 23.22
CA TRP A 176 -21.52 6.96 22.52
C TRP A 176 -20.38 7.51 21.67
N ILE A 177 -19.17 7.53 22.22
CA ILE A 177 -18.02 8.02 21.47
C ILE A 177 -17.77 7.13 20.25
N ILE A 178 -17.85 5.81 20.43
CA ILE A 178 -17.63 4.88 19.32
C ILE A 178 -18.70 5.06 18.26
N ARG A 179 -19.95 5.24 18.67
CA ARG A 179 -21.04 5.42 17.71
C ARG A 179 -20.92 6.72 16.94
N HIS A 180 -20.33 7.76 17.54
CA HIS A 180 -20.07 9.00 16.82
C HIS A 180 -18.73 9.01 16.10
N LEU A 181 -17.88 8.01 16.35
CA LEU A 181 -16.55 7.94 15.73
C LEU A 181 -16.50 7.02 14.52
N MET A 182 -17.20 5.88 14.59
CA MET A 182 -17.10 4.88 13.53
C MET A 182 -17.51 5.39 12.15
N PRO A 183 -18.64 6.11 11.98
CA PRO A 183 -18.91 6.68 10.65
C PRO A 183 -17.83 7.62 10.16
N VAL A 184 -17.24 8.40 11.06
CA VAL A 184 -16.15 9.29 10.67
C VAL A 184 -14.94 8.50 10.21
N PHE A 185 -14.65 7.38 10.87
CA PHE A 185 -13.53 6.54 10.46
C PHE A 185 -13.80 5.87 9.12
N THR A 186 -15.04 5.45 8.88
CA THR A 186 -15.39 4.91 7.58
C THR A 186 -15.20 5.94 6.49
N ARG A 187 -15.63 7.19 6.75
CA ARG A 187 -15.43 8.26 5.79
C ARG A 187 -13.95 8.52 5.56
N MET A 188 -13.15 8.51 6.63
CA MET A 188 -11.72 8.75 6.49
C MET A 188 -11.05 7.67 5.65
N GLN A 189 -11.45 6.40 5.85
CA GLN A 189 -10.89 5.33 5.04
C GLN A 189 -11.31 5.45 3.58
N SER A 190 -12.60 5.69 3.34
CA SER A 190 -13.10 5.83 1.98
C SER A 190 -12.50 7.05 1.28
N LEU A 191 -12.03 8.03 2.05
CA LEU A 191 -11.46 9.24 1.46
C LEU A 191 -9.94 9.16 1.29
N ILE A 192 -9.25 8.40 2.13
CA ILE A 192 -7.84 8.12 1.89
C ILE A 192 -7.67 7.12 0.75
N ASP A 193 -8.67 6.27 0.50
CA ASP A 193 -8.64 5.45 -0.71
C ASP A 193 -8.48 6.31 -1.94
N GLY A 194 -9.24 7.41 -2.02
CA GLY A 194 -9.18 8.27 -3.20
C GLY A 194 -7.83 8.93 -3.39
N ILE A 195 -7.23 9.43 -2.29
CA ILE A 195 -5.92 10.06 -2.40
C ILE A 195 -4.84 9.04 -2.73
N ASN A 196 -5.04 7.76 -2.39
CA ASN A 196 -4.15 6.72 -2.89
C ASN A 196 -4.33 6.42 -4.36
N ARG A 197 -5.57 6.38 -4.86
CA ARG A 197 -5.77 6.16 -6.29
C ARG A 197 -5.20 7.32 -7.10
N VAL A 198 -5.34 8.55 -6.60
CA VAL A 198 -4.79 9.71 -7.31
C VAL A 198 -3.28 9.57 -7.46
N LEU A 199 -2.60 9.19 -6.38
CA LEU A 199 -1.15 9.01 -6.41
C LEU A 199 -0.73 7.81 -7.26
N ARG A 200 -1.55 6.77 -7.34
CA ARG A 200 -1.25 5.66 -8.23
C ARG A 200 -1.36 6.08 -9.70
N ASP A 201 -2.42 6.81 -10.05
CA ASP A 201 -2.57 7.30 -11.41
C ASP A 201 -1.45 8.28 -11.76
N GLN A 202 -1.03 9.11 -10.81
CA GLN A 202 0.05 10.05 -11.07
C GLN A 202 1.38 9.38 -11.35
N LEU A 203 1.61 8.20 -10.76
CA LEU A 203 2.87 7.49 -10.95
C LEU A 203 2.84 6.52 -12.14
N SER A 204 1.67 5.97 -12.46
CA SER A 204 1.60 5.05 -13.61
C SER A 204 1.75 5.80 -14.92
N GLY A 205 1.29 7.05 -15.00
CA GLY A 205 1.35 7.81 -16.22
C GLY A 205 2.19 9.07 -16.10
N ILE A 206 3.38 8.95 -15.49
CA ILE A 206 4.21 10.13 -15.24
C ILE A 206 4.68 10.75 -16.54
N ARG A 207 5.00 9.93 -17.55
CA ARG A 207 5.44 10.48 -18.83
C ARG A 207 4.32 11.23 -19.53
N VAL A 208 3.09 10.71 -19.48
CA VAL A 208 1.96 11.41 -20.07
C VAL A 208 1.65 12.69 -19.30
N ILE A 209 1.79 12.65 -17.97
CA ILE A 209 1.56 13.84 -17.16
C ILE A 209 2.56 14.93 -17.52
N ARG A 210 3.83 14.56 -17.64
CA ARG A 210 4.85 15.56 -17.98
C ARG A 210 4.67 16.06 -19.42
N ALA A 211 4.32 15.17 -20.34
CA ALA A 211 4.20 15.55 -21.75
C ALA A 211 3.07 16.55 -21.96
N PHE A 212 1.99 16.45 -21.21
CA PHE A 212 0.85 17.33 -21.35
C PHE A 212 0.86 18.49 -20.35
N ALA A 213 1.92 18.60 -19.55
CA ALA A 213 2.04 19.66 -18.53
C ALA A 213 0.85 19.65 -17.58
N ARG A 214 0.49 18.44 -17.14
CA ARG A 214 -0.62 18.25 -16.21
C ARG A 214 -0.18 18.37 -14.76
N GLU A 215 0.99 18.95 -14.49
CA GLU A 215 1.44 19.12 -13.11
C GLU A 215 0.53 20.03 -12.29
N PRO A 216 0.12 21.21 -12.77
CA PRO A 216 -0.73 22.07 -11.92
C PRO A 216 -2.07 21.46 -11.58
N LEU A 217 -2.72 20.78 -12.53
CA LEU A 217 -4.00 20.14 -12.25
C LEU A 217 -3.84 19.00 -11.26
N GLU A 218 -2.76 18.23 -11.40
CA GLU A 218 -2.47 17.17 -10.42
C GLU A 218 -2.26 17.76 -9.04
N ARG A 219 -1.53 18.88 -8.97
CA ARG A 219 -1.30 19.54 -7.69
C ARG A 219 -2.60 20.02 -7.06
N VAL A 220 -3.48 20.62 -7.88
CA VAL A 220 -4.76 21.10 -7.36
C VAL A 220 -5.61 19.93 -6.86
N ARG A 221 -5.67 18.84 -7.63
CA ARG A 221 -6.44 17.68 -7.22
C ARG A 221 -5.91 17.10 -5.93
N PHE A 222 -4.59 16.96 -5.82
CA PHE A 222 -4.00 16.40 -4.60
C PHE A 222 -4.23 17.33 -3.41
N ALA A 223 -4.14 18.65 -3.63
CA ALA A 223 -4.37 19.59 -2.53
C ALA A 223 -5.81 19.50 -2.04
N GLU A 224 -6.77 19.41 -2.95
CA GLU A 224 -8.17 19.27 -2.53
C GLU A 224 -8.39 17.98 -1.77
N ALA A 225 -7.85 16.86 -2.29
CA ALA A 225 -8.02 15.58 -1.60
C ALA A 225 -7.36 15.61 -0.23
N ASN A 226 -6.17 16.21 -0.14
CA ASN A 226 -5.47 16.31 1.13
C ASN A 226 -6.25 17.14 2.14
N GLN A 227 -6.81 18.26 1.70
CA GLN A 227 -7.58 19.11 2.61
C GLN A 227 -8.83 18.39 3.09
N THR A 228 -9.53 17.69 2.20
CA THR A 228 -10.73 16.96 2.62
C THR A 228 -10.38 15.83 3.57
N LEU A 229 -9.30 15.10 3.29
CA LEU A 229 -8.85 14.04 4.19
C LEU A 229 -8.46 14.60 5.55
N SER A 230 -7.79 15.75 5.57
CA SER A 230 -7.42 16.40 6.82
C SER A 230 -8.65 16.83 7.60
N ASP A 231 -9.67 17.36 6.92
CA ASP A 231 -10.92 17.72 7.61
C ASP A 231 -11.56 16.48 8.24
N SER A 232 -11.63 15.39 7.50
CA SER A 232 -12.21 14.16 8.05
C SER A 232 -11.40 13.64 9.23
N ALA A 233 -10.07 13.65 9.11
CA ALA A 233 -9.22 13.16 10.18
C ALA A 233 -9.31 14.05 11.42
N LEU A 234 -9.41 15.36 11.23
CA LEU A 234 -9.59 16.27 12.36
C LEU A 234 -10.92 16.02 13.04
N GLU A 235 -11.98 15.80 12.26
CA GLU A 235 -13.28 15.50 12.86
C GLU A 235 -13.23 14.21 13.66
N ALA A 236 -12.53 13.19 13.14
CA ALA A 236 -12.34 11.96 13.90
C ALA A 236 -11.53 12.20 15.17
N GLY A 237 -10.46 12.99 15.06
CA GLY A 237 -9.61 13.24 16.22
C GLY A 237 -10.29 14.02 17.32
N ARG A 238 -11.21 14.92 16.96
CA ARG A 238 -11.95 15.65 17.98
C ARG A 238 -12.73 14.71 18.88
N TRP A 239 -13.38 13.70 18.29
CA TRP A 239 -14.07 12.70 19.09
C TRP A 239 -13.10 11.77 19.81
N GLN A 240 -12.04 11.35 19.14
CA GLN A 240 -11.06 10.44 19.74
C GLN A 240 -10.32 11.05 20.91
N ALA A 241 -10.21 12.39 20.97
CA ALA A 241 -9.54 13.07 22.06
C ALA A 241 -10.35 13.08 23.36
N LEU A 242 -11.61 12.70 23.32
CA LEU A 242 -12.42 12.61 24.53
C LEU A 242 -12.31 11.27 25.24
N MET A 243 -11.73 10.25 24.60
CA MET A 243 -11.76 8.91 25.16
C MET A 243 -10.95 8.81 26.44
N LEU A 244 -9.70 9.28 26.41
CA LEU A 244 -8.87 9.22 27.61
C LEU A 244 -9.39 10.10 28.75
N PRO A 245 -9.72 11.37 28.54
CA PRO A 245 -10.23 12.18 29.67
C PRO A 245 -11.53 11.65 30.25
N VAL A 246 -12.45 11.17 29.41
CA VAL A 246 -13.73 10.68 29.91
C VAL A 246 -13.61 9.36 30.64
N THR A 247 -12.48 8.67 30.49
CA THR A 247 -12.21 7.46 31.27
C THR A 247 -11.48 7.79 32.56
N THR A 248 -10.48 8.68 32.48
CA THR A 248 -9.76 9.09 33.68
C THR A 248 -10.68 9.79 34.67
N LEU A 249 -11.62 10.59 34.16
CA LEU A 249 -12.58 11.25 35.03
C LEU A 249 -13.45 10.22 35.78
N VAL A 250 -13.89 9.19 35.07
CA VAL A 250 -14.68 8.14 35.72
C VAL A 250 -13.85 7.43 36.78
N ILE A 251 -12.59 7.11 36.45
CA ILE A 251 -11.71 6.45 37.42
C ILE A 251 -11.59 7.29 38.69
N ASN A 252 -11.34 8.60 38.51
CA ASN A 252 -11.07 9.46 39.65
C ASN A 252 -12.33 9.71 40.48
N VAL A 253 -13.47 9.91 39.82
CA VAL A 253 -14.73 10.07 40.56
C VAL A 253 -15.07 8.80 41.31
N SER A 254 -14.83 7.64 40.68
CA SER A 254 -15.05 6.37 41.37
C SER A 254 -14.13 6.23 42.57
N SER A 255 -12.88 6.68 42.45
CA SER A 255 -11.96 6.62 43.59
C SER A 255 -12.43 7.53 44.73
N VAL A 256 -12.93 8.72 44.41
CA VAL A 256 -13.42 9.62 45.46
C VAL A 256 -14.63 9.03 46.14
N ALA A 257 -15.59 8.52 45.36
CA ALA A 257 -16.75 7.86 45.95
C ALA A 257 -16.33 6.63 46.74
N LEU A 258 -15.26 5.97 46.32
CA LEU A 258 -14.69 4.86 47.08
C LEU A 258 -14.27 5.32 48.47
N ILE A 259 -13.44 6.36 48.53
CA ILE A 259 -12.95 6.84 49.81
C ILE A 259 -14.08 7.34 50.69
N TRP A 260 -15.17 7.82 50.08
CA TRP A 260 -16.30 8.28 50.89
C TRP A 260 -17.12 7.12 51.43
N PHE A 261 -17.65 6.28 50.54
CA PHE A 261 -18.56 5.23 50.96
C PHE A 261 -17.84 4.14 51.76
N GLY A 262 -16.63 3.78 51.36
CA GLY A 262 -15.85 2.83 52.14
C GLY A 262 -15.53 3.37 53.53
N GLY A 263 -15.28 4.67 53.63
CA GLY A 263 -15.09 5.26 54.95
C GLY A 263 -16.34 5.18 55.79
N LEU A 264 -17.49 5.46 55.19
CA LEU A 264 -18.76 5.34 55.91
C LEU A 264 -18.98 3.90 56.39
N ARG A 265 -18.66 2.92 55.55
CA ARG A 265 -18.80 1.53 55.95
C ARG A 265 -17.78 1.15 57.03
N ILE A 266 -16.58 1.72 56.96
CA ILE A 266 -15.53 1.40 57.92
C ILE A 266 -15.89 1.92 59.30
N ASP A 267 -16.49 3.12 59.37
CA ASP A 267 -16.91 3.64 60.66
C ASP A 267 -17.95 2.75 61.33
N ALA A 268 -18.68 1.93 60.56
CA ALA A 268 -19.65 1.00 61.11
C ALA A 268 -19.06 -0.37 61.36
N GLY A 269 -17.74 -0.53 61.21
CA GLY A 269 -17.12 -1.83 61.39
C GLY A 269 -17.54 -2.85 60.36
N GLN A 270 -17.76 -2.41 59.13
CA GLN A 270 -18.20 -3.29 58.04
C GLN A 270 -17.13 -3.50 56.98
N MET A 271 -15.95 -2.90 57.14
CA MET A 271 -14.94 -2.94 56.08
C MET A 271 -13.57 -2.72 56.70
N GLN A 272 -12.57 -3.43 56.18
CA GLN A 272 -11.19 -3.21 56.60
C GLN A 272 -10.55 -2.14 55.71
N VAL A 273 -9.47 -1.55 56.22
CA VAL A 273 -8.87 -0.41 55.55
C VAL A 273 -8.20 -0.84 54.25
N GLY A 274 -7.57 -2.01 54.23
CA GLY A 274 -6.91 -2.49 53.03
C GLY A 274 -7.85 -2.73 51.87
N SER A 275 -9.13 -2.93 52.15
CA SER A 275 -10.11 -3.06 51.08
C SER A 275 -10.18 -1.79 50.24
N LEU A 276 -9.90 -0.64 50.84
CA LEU A 276 -9.84 0.60 50.05
C LEU A 276 -8.72 0.54 49.02
N ILE A 277 -7.54 0.08 49.42
CA ILE A 277 -6.43 -0.06 48.48
C ILE A 277 -6.78 -1.08 47.40
N ALA A 278 -7.37 -2.20 47.80
CA ALA A 278 -7.74 -3.23 46.83
C ALA A 278 -8.72 -2.68 45.80
N PHE A 279 -9.76 -1.98 46.26
CA PHE A 279 -10.76 -1.44 45.35
C PHE A 279 -10.19 -0.32 44.49
N LEU A 280 -9.29 0.50 45.02
CA LEU A 280 -8.64 1.52 44.22
C LEU A 280 -7.87 0.90 43.07
N ALA A 281 -7.06 -0.12 43.37
CA ALA A 281 -6.33 -0.80 42.30
C ALA A 281 -7.28 -1.48 41.32
N TYR A 282 -8.40 -2.02 41.81
CA TYR A 282 -9.38 -2.62 40.92
C TYR A 282 -9.92 -1.59 39.93
N PHE A 283 -10.24 -0.39 40.42
CA PHE A 283 -10.71 0.67 39.52
C PHE A 283 -9.65 1.03 38.50
N MET A 284 -8.43 1.35 38.95
CA MET A 284 -7.41 1.82 38.02
C MET A 284 -6.87 0.74 37.12
N GLN A 285 -7.22 -0.53 37.35
CA GLN A 285 -6.95 -1.57 36.37
C GLN A 285 -8.12 -1.81 35.43
N ILE A 286 -9.34 -1.96 35.98
CA ILE A 286 -10.51 -2.28 35.18
C ILE A 286 -10.75 -1.19 34.14
N LEU A 287 -10.79 0.06 34.58
CA LEU A 287 -11.17 1.12 33.65
C LEU A 287 -10.02 1.47 32.70
N MET A 288 -8.77 1.36 33.17
CA MET A 288 -7.64 1.58 32.28
C MET A 288 -7.58 0.54 31.18
N ALA A 289 -7.91 -0.72 31.48
CA ALA A 289 -7.95 -1.74 30.44
C ALA A 289 -9.00 -1.42 29.38
N VAL A 290 -10.18 -0.96 29.82
CA VAL A 290 -11.24 -0.59 28.88
C VAL A 290 -10.77 0.59 28.02
N LEU A 291 -10.12 1.57 28.63
CA LEU A 291 -9.62 2.72 27.88
C LEU A 291 -8.60 2.28 26.84
N MET A 292 -7.67 1.41 27.22
CA MET A 292 -6.65 0.96 26.29
C MET A 292 -7.26 0.17 25.15
N ALA A 293 -8.23 -0.69 25.44
CA ALA A 293 -8.89 -1.45 24.39
C ALA A 293 -9.66 -0.55 23.43
N THR A 294 -10.36 0.45 23.98
CA THR A 294 -11.23 1.27 23.15
C THR A 294 -10.44 2.27 22.31
N PHE A 295 -9.35 2.80 22.85
CA PHE A 295 -8.58 3.82 22.14
C PHE A 295 -8.00 3.28 20.84
N MET A 296 -7.82 1.96 20.74
CA MET A 296 -7.20 1.32 19.60
C MET A 296 -8.20 1.05 18.47
N LEU A 297 -9.48 1.32 18.67
CA LEU A 297 -10.49 0.88 17.71
C LEU A 297 -10.52 1.77 16.47
N VAL A 298 -9.39 1.83 15.76
CA VAL A 298 -9.33 2.40 14.42
C VAL A 298 -9.35 1.32 13.35
N ILE A 299 -9.44 0.06 13.75
CA ILE A 299 -9.24 -1.05 12.83
C ILE A 299 -10.56 -1.57 12.28
N PHE A 300 -11.63 -1.56 13.07
CA PHE A 300 -12.86 -2.26 12.69
C PHE A 300 -13.47 -1.75 11.40
N PRO A 301 -13.62 -0.44 11.16
CA PRO A 301 -14.10 -0.01 9.83
C PRO A 301 -13.14 -0.34 8.71
N ARG A 302 -11.85 -0.10 8.94
CA ARG A 302 -10.83 -0.42 7.93
C ARG A 302 -10.80 -1.92 7.66
N ALA A 303 -10.84 -2.73 8.71
CA ALA A 303 -10.88 -4.18 8.52
C ALA A 303 -12.16 -4.61 7.82
N ALA A 304 -13.28 -3.94 8.11
CA ALA A 304 -14.54 -4.30 7.47
C ALA A 304 -14.49 -4.04 5.97
N VAL A 305 -13.97 -2.87 5.56
CA VAL A 305 -13.92 -2.59 4.13
C VAL A 305 -12.89 -3.49 3.44
N CYS A 306 -11.75 -3.74 4.10
CA CYS A 306 -10.76 -4.66 3.53
C CYS A 306 -11.35 -6.06 3.35
N ALA A 307 -12.10 -6.54 4.34
CA ALA A 307 -12.71 -7.85 4.23
C ALA A 307 -13.80 -7.85 3.16
N ASP A 308 -14.51 -6.74 2.99
CA ASP A 308 -15.47 -6.66 1.90
C ASP A 308 -14.79 -6.83 0.56
N ARG A 309 -13.66 -6.15 0.36
CA ARG A 309 -12.91 -6.30 -0.88
C ARG A 309 -12.40 -7.73 -1.05
N ILE A 310 -11.86 -8.31 0.01
CA ILE A 310 -11.33 -9.68 -0.08
C ILE A 310 -12.44 -10.67 -0.40
N GLY A 311 -13.60 -10.51 0.25
CA GLY A 311 -14.72 -11.40 -0.02
C GLY A 311 -15.28 -11.24 -1.40
N GLU A 312 -15.30 -10.01 -1.93
CA GLU A 312 -15.74 -9.83 -3.30
C GLU A 312 -14.75 -10.42 -4.29
N VAL A 313 -13.45 -10.45 -3.94
CA VAL A 313 -12.47 -11.13 -4.79
C VAL A 313 -12.68 -12.63 -4.73
N LEU A 314 -12.86 -13.18 -3.53
CA LEU A 314 -13.02 -14.61 -3.35
C LEU A 314 -14.36 -15.14 -3.84
N SER A 315 -15.35 -14.26 -4.02
CA SER A 315 -16.66 -14.68 -4.51
C SER A 315 -16.72 -14.74 -6.03
N THR A 316 -15.74 -14.17 -6.73
CA THR A 316 -15.72 -14.22 -8.19
C THR A 316 -15.42 -15.63 -8.65
N GLN A 317 -16.30 -16.17 -9.49
CA GLN A 317 -16.14 -17.52 -10.02
C GLN A 317 -15.77 -17.46 -11.49
N THR A 318 -14.74 -18.22 -11.86
CA THR A 318 -14.25 -18.22 -13.23
C THR A 318 -15.27 -18.85 -14.17
N ALA A 319 -15.07 -18.62 -15.48
CA ALA A 319 -15.96 -19.12 -16.49
C ALA A 319 -15.30 -20.06 -17.50
N ILE A 320 -13.98 -20.19 -17.46
CA ILE A 320 -13.24 -21.06 -18.38
C ILE A 320 -12.44 -22.05 -17.53
N THR A 321 -12.92 -23.30 -17.46
CA THR A 321 -12.27 -24.36 -16.72
C THR A 321 -12.18 -25.60 -17.59
N ASN A 322 -11.37 -26.55 -17.15
CA ASN A 322 -11.33 -27.86 -17.79
C ASN A 322 -12.67 -28.54 -17.57
N PRO A 323 -13.38 -28.93 -18.63
CA PRO A 323 -14.83 -29.20 -18.49
C PRO A 323 -15.19 -30.30 -17.51
N ALA A 324 -14.87 -31.56 -17.80
CA ALA A 324 -14.96 -32.61 -16.80
C ALA A 324 -13.78 -33.55 -16.84
N ASP A 325 -13.37 -33.92 -18.06
CA ASP A 325 -12.30 -34.90 -18.28
C ASP A 325 -11.70 -34.62 -19.64
N PRO A 326 -10.69 -33.74 -19.69
CA PRO A 326 -10.21 -33.24 -20.98
C PRO A 326 -9.61 -34.35 -21.85
N VAL A 327 -9.83 -34.23 -23.16
CA VAL A 327 -9.16 -35.09 -24.12
C VAL A 327 -7.70 -34.67 -24.23
N ARG A 328 -6.81 -35.65 -24.34
CA ARG A 328 -5.37 -35.42 -24.32
C ARG A 328 -4.75 -36.04 -25.56
N PRO A 329 -4.86 -35.37 -26.72
CA PRO A 329 -4.14 -35.85 -27.90
C PRO A 329 -2.64 -35.72 -27.72
N ALA A 330 -1.91 -36.61 -28.38
CA ALA A 330 -0.46 -36.64 -28.28
C ALA A 330 0.16 -35.62 -29.22
N ALA A 331 0.85 -34.63 -28.66
CA ALA A 331 1.61 -33.63 -29.42
C ALA A 331 0.71 -32.89 -30.40
N ILE A 332 -0.23 -32.11 -29.84
CA ILE A 332 -1.15 -31.32 -30.63
C ILE A 332 -0.36 -30.37 -31.52
N ALA A 333 -0.45 -30.56 -32.83
CA ALA A 333 0.24 -29.69 -33.78
C ALA A 333 -0.60 -29.43 -35.02
N GLY A 334 -1.91 -29.60 -34.96
CA GLY A 334 -2.77 -29.60 -36.12
C GLY A 334 -3.25 -28.22 -36.53
N ASP A 335 -4.37 -28.21 -37.24
CA ASP A 335 -4.92 -27.00 -37.85
C ASP A 335 -5.88 -26.31 -36.88
N ILE A 336 -6.47 -25.21 -37.34
CA ILE A 336 -7.44 -24.43 -36.59
C ILE A 336 -8.74 -24.40 -37.38
N GLY A 337 -9.84 -24.75 -36.73
CA GLY A 337 -11.11 -24.89 -37.42
C GLY A 337 -11.90 -23.60 -37.55
N VAL A 338 -12.23 -22.97 -36.42
CA VAL A 338 -13.03 -21.75 -36.39
C VAL A 338 -14.28 -21.91 -37.24
N HIS A 339 -15.23 -22.70 -36.77
CA HIS A 339 -16.44 -23.01 -37.52
C HIS A 339 -17.61 -22.21 -36.94
N ASP A 340 -18.06 -21.21 -37.69
CA ASP A 340 -19.22 -20.39 -37.32
C ASP A 340 -19.06 -19.78 -35.93
N ALA A 341 -17.86 -19.31 -35.63
CA ALA A 341 -17.60 -18.70 -34.33
C ALA A 341 -18.37 -17.39 -34.19
N THR A 342 -18.98 -17.19 -33.03
CA THR A 342 -19.72 -15.98 -32.73
C THR A 342 -19.43 -15.58 -31.29
N PHE A 343 -18.74 -14.45 -31.11
CA PHE A 343 -18.30 -14.01 -29.80
C PHE A 343 -18.91 -12.65 -29.46
N CYS A 344 -19.34 -12.51 -28.21
CA CYS A 344 -19.83 -11.25 -27.67
C CYS A 344 -19.24 -11.07 -26.28
N TYR A 345 -18.58 -9.94 -26.06
CA TYR A 345 -17.93 -9.70 -24.78
C TYR A 345 -18.98 -9.59 -23.68
N PRO A 346 -18.65 -10.03 -22.46
CA PRO A 346 -19.61 -9.92 -21.35
C PRO A 346 -19.96 -8.46 -21.08
N GLY A 347 -21.24 -8.21 -20.86
CA GLY A 347 -21.72 -6.86 -20.63
C GLY A 347 -21.87 -6.02 -21.87
N ALA A 348 -21.69 -6.59 -23.06
CA ALA A 348 -21.78 -5.85 -24.31
C ALA A 348 -23.14 -6.08 -24.95
N ASP A 349 -23.69 -5.01 -25.53
CA ASP A 349 -25.02 -5.08 -26.13
C ASP A 349 -25.01 -5.83 -27.46
N ARG A 350 -23.92 -5.75 -28.21
CA ARG A 350 -23.85 -6.35 -29.54
C ARG A 350 -22.61 -7.22 -29.68
N PRO A 351 -22.68 -8.29 -30.45
CA PRO A 351 -21.52 -9.16 -30.63
C PRO A 351 -20.41 -8.48 -31.42
N VAL A 352 -19.19 -8.89 -31.15
CA VAL A 352 -18.02 -8.36 -31.87
C VAL A 352 -17.55 -9.30 -32.98
N LEU A 353 -17.95 -10.57 -32.95
CA LEU A 353 -17.65 -11.51 -34.01
C LEU A 353 -18.94 -12.23 -34.39
N GLN A 354 -19.28 -12.19 -35.68
CA GLN A 354 -20.53 -12.78 -36.16
C GLN A 354 -20.23 -13.69 -37.35
N ASP A 355 -20.61 -14.95 -37.23
CA ASP A 355 -20.55 -15.91 -38.34
C ASP A 355 -19.15 -15.99 -38.95
N VAL A 356 -18.14 -16.01 -38.09
CA VAL A 356 -16.76 -16.15 -38.56
C VAL A 356 -16.50 -17.62 -38.84
N SER A 357 -16.07 -17.92 -40.06
CA SER A 357 -15.83 -19.30 -40.46
C SER A 357 -14.66 -19.33 -41.44
N PHE A 358 -13.51 -19.80 -40.97
CA PHE A 358 -12.34 -19.96 -41.83
C PHE A 358 -11.41 -20.97 -41.17
N THR A 359 -10.77 -21.80 -41.99
CA THR A 359 -9.87 -22.84 -41.50
C THR A 359 -8.43 -22.50 -41.86
N VAL A 360 -7.51 -22.82 -40.96
CA VAL A 360 -6.09 -22.57 -41.16
C VAL A 360 -5.36 -23.91 -41.22
N PRO A 361 -5.00 -24.41 -42.40
CA PRO A 361 -4.38 -25.73 -42.48
C PRO A 361 -3.05 -25.78 -41.72
N ARG A 362 -2.75 -26.96 -41.18
CA ARG A 362 -1.55 -27.13 -40.40
C ARG A 362 -0.31 -26.91 -41.26
N GLY A 363 0.66 -26.17 -40.71
CA GLY A 363 1.90 -25.90 -41.41
C GLY A 363 1.85 -24.74 -42.37
N THR A 364 0.73 -24.03 -42.47
CA THR A 364 0.60 -22.88 -43.35
C THR A 364 0.60 -21.60 -42.54
N THR A 365 0.64 -20.47 -43.25
CA THR A 365 0.63 -19.14 -42.65
C THR A 365 -0.65 -18.43 -43.07
N THR A 366 -1.41 -17.95 -42.07
CA THR A 366 -2.65 -17.23 -42.32
C THR A 366 -2.53 -15.82 -41.75
N ALA A 367 -2.80 -14.83 -42.59
CA ALA A 367 -2.73 -13.43 -42.19
C ALA A 367 -4.14 -12.88 -42.01
N VAL A 368 -4.39 -12.25 -40.87
CA VAL A 368 -5.69 -11.65 -40.56
C VAL A 368 -5.59 -10.15 -40.79
N VAL A 369 -6.45 -9.63 -41.65
CA VAL A 369 -6.43 -8.23 -42.04
C VAL A 369 -7.81 -7.63 -41.74
N GLY A 370 -7.81 -6.46 -41.12
CA GLY A 370 -9.07 -5.80 -40.81
C GLY A 370 -8.83 -4.37 -40.37
N SER A 371 -9.94 -3.64 -40.23
CA SER A 371 -9.89 -2.26 -39.78
C SER A 371 -9.63 -2.21 -38.27
N THR A 372 -9.53 -1.00 -37.73
CA THR A 372 -9.35 -0.84 -36.31
C THR A 372 -10.63 -1.19 -35.57
N GLY A 373 -10.52 -2.06 -34.56
CA GLY A 373 -11.68 -2.54 -33.86
C GLY A 373 -12.50 -3.56 -34.61
N SER A 374 -11.91 -4.23 -35.60
CA SER A 374 -12.65 -5.22 -36.37
C SER A 374 -12.88 -6.51 -35.59
N GLY A 375 -11.90 -6.92 -34.78
CA GLY A 375 -12.03 -8.13 -34.01
C GLY A 375 -10.92 -9.14 -34.22
N LYS A 376 -9.78 -8.67 -34.74
CA LYS A 376 -8.65 -9.57 -34.97
C LYS A 376 -8.04 -10.04 -33.65
N SER A 377 -7.81 -9.11 -32.72
CA SER A 377 -7.27 -9.48 -31.42
C SER A 377 -8.25 -10.34 -30.64
N THR A 378 -9.55 -10.09 -30.78
CA THR A 378 -10.55 -10.94 -30.16
C THR A 378 -10.48 -12.35 -30.71
N LEU A 379 -10.30 -12.49 -32.03
CA LEU A 379 -10.16 -13.81 -32.64
C LEU A 379 -8.91 -14.52 -32.14
N ILE A 380 -7.79 -13.79 -32.03
CA ILE A 380 -6.56 -14.39 -31.54
C ILE A 380 -6.72 -14.85 -30.10
N SER A 381 -7.37 -14.04 -29.27
CA SER A 381 -7.63 -14.44 -27.89
C SER A 381 -8.58 -15.64 -27.84
N LEU A 382 -9.51 -15.73 -28.79
CA LEU A 382 -10.36 -16.90 -28.87
C LEU A 382 -9.55 -18.15 -29.17
N ILE A 383 -8.55 -18.03 -30.06
CA ILE A 383 -7.70 -19.18 -30.37
C ILE A 383 -6.93 -19.63 -29.14
N CYS A 384 -6.41 -18.68 -28.36
CA CYS A 384 -5.74 -19.01 -27.10
C CYS A 384 -6.70 -19.51 -26.03
N ARG A 385 -8.01 -19.39 -26.27
CA ARG A 385 -9.04 -19.69 -25.28
C ARG A 385 -8.89 -18.83 -24.03
N LEU A 386 -8.41 -17.60 -24.20
CA LEU A 386 -8.54 -16.62 -23.13
C LEU A 386 -10.00 -16.21 -22.95
N TYR A 387 -10.79 -16.31 -24.01
CA TYR A 387 -12.23 -16.10 -23.96
C TYR A 387 -12.92 -17.29 -24.62
N ASP A 388 -14.14 -17.57 -24.17
CA ASP A 388 -14.91 -18.69 -24.70
C ASP A 388 -15.92 -18.19 -25.71
N VAL A 389 -16.10 -18.96 -26.79
CA VAL A 389 -17.05 -18.58 -27.83
C VAL A 389 -18.47 -18.70 -27.30
N THR A 390 -19.26 -17.65 -27.49
CA THR A 390 -20.67 -17.70 -27.10
C THR A 390 -21.44 -18.69 -27.97
N SER A 391 -21.14 -18.73 -29.26
CA SER A 391 -21.79 -19.65 -30.18
C SER A 391 -20.73 -20.27 -31.09
N GLY A 392 -21.10 -21.38 -31.71
CA GLY A 392 -20.17 -22.06 -32.60
C GLY A 392 -19.08 -22.78 -31.82
N SER A 393 -17.98 -23.05 -32.53
CA SER A 393 -16.84 -23.73 -31.94
C SER A 393 -15.59 -23.35 -32.72
N LEU A 394 -14.44 -23.57 -32.08
CA LEU A 394 -13.15 -23.25 -32.69
C LEU A 394 -12.48 -24.46 -33.35
N ARG A 395 -12.51 -25.61 -32.69
CA ARG A 395 -12.04 -26.88 -33.27
C ARG A 395 -10.57 -26.80 -33.71
N ILE A 396 -9.70 -26.60 -32.72
CA ILE A 396 -8.26 -26.69 -32.97
C ILE A 396 -7.86 -28.16 -33.05
N ASP A 397 -7.15 -28.52 -34.11
CA ASP A 397 -6.75 -29.91 -34.36
C ASP A 397 -7.97 -30.83 -34.52
N GLY A 398 -9.08 -30.27 -34.99
CA GLY A 398 -10.30 -31.03 -35.16
C GLY A 398 -11.10 -31.27 -33.89
N VAL A 399 -10.66 -30.72 -32.76
CA VAL A 399 -11.33 -30.92 -31.48
C VAL A 399 -11.48 -29.57 -30.80
N ASP A 400 -12.60 -29.38 -30.11
CA ASP A 400 -12.91 -28.10 -29.49
C ASP A 400 -11.84 -27.71 -28.47
N VAL A 401 -11.58 -26.40 -28.36
CA VAL A 401 -10.71 -25.91 -27.32
C VAL A 401 -11.37 -26.00 -25.96
N ARG A 402 -12.70 -26.07 -25.91
CA ARG A 402 -13.40 -26.16 -24.64
C ARG A 402 -13.12 -27.48 -23.92
N ASP A 403 -13.08 -28.59 -24.64
CA ASP A 403 -12.84 -29.88 -24.00
C ASP A 403 -11.36 -30.20 -23.85
N LEU A 404 -10.47 -29.39 -24.42
CA LEU A 404 -9.05 -29.54 -24.20
C LEU A 404 -8.65 -28.82 -22.92
N ASP A 405 -7.91 -29.52 -22.06
CA ASP A 405 -7.37 -28.88 -20.88
C ASP A 405 -6.44 -27.74 -21.30
N ILE A 406 -6.61 -26.58 -20.68
CA ILE A 406 -5.74 -25.47 -21.06
C ILE A 406 -4.49 -25.54 -20.19
N GLU A 407 -3.64 -26.50 -20.48
CA GLU A 407 -2.20 -26.49 -20.25
C GLU A 407 -1.46 -27.00 -21.47
N GLN A 408 -1.96 -28.04 -22.12
CA GLN A 408 -1.36 -28.57 -23.34
C GLN A 408 -1.67 -27.69 -24.53
N LEU A 409 -2.87 -27.14 -24.59
CA LEU A 409 -3.20 -26.18 -25.65
C LEU A 409 -2.29 -24.96 -25.58
N TRP A 410 -2.01 -24.48 -24.37
CA TRP A 410 -1.11 -23.35 -24.22
C TRP A 410 0.34 -23.75 -24.45
N SER A 411 0.71 -24.99 -24.12
CA SER A 411 2.06 -25.47 -24.39
C SER A 411 2.31 -25.59 -25.90
N ALA A 412 1.27 -25.91 -26.67
CA ALA A 412 1.40 -26.02 -28.11
C ALA A 412 1.25 -24.69 -28.84
N ILE A 413 0.99 -23.61 -28.11
CA ILE A 413 0.75 -22.30 -28.70
C ILE A 413 1.79 -21.32 -28.18
N GLY A 414 2.50 -20.67 -29.09
CA GLY A 414 3.41 -19.61 -28.72
C GLY A 414 2.85 -18.25 -29.12
N LEU A 415 2.37 -17.50 -28.14
CA LEU A 415 1.63 -16.28 -28.37
C LEU A 415 2.46 -15.07 -27.97
N VAL A 416 2.54 -14.09 -28.86
CA VAL A 416 3.04 -12.75 -28.54
C VAL A 416 1.87 -11.78 -28.67
N PRO A 417 1.32 -11.30 -27.56
CA PRO A 417 0.10 -10.48 -27.65
C PRO A 417 0.40 -9.07 -28.13
N GLN A 418 -0.67 -8.40 -28.57
CA GLN A 418 -0.54 -7.00 -28.98
C GLN A 418 -0.11 -6.13 -27.81
N ARG A 419 -0.71 -6.34 -26.64
CA ARG A 419 -0.30 -5.68 -25.41
C ARG A 419 0.64 -6.64 -24.69
N GLY A 420 1.91 -6.60 -25.07
CA GLY A 420 2.91 -7.47 -24.48
C GLY A 420 3.36 -6.98 -23.13
N TYR A 421 4.08 -7.84 -22.42
CA TYR A 421 4.61 -7.51 -21.11
C TYR A 421 5.92 -8.24 -20.89
N LEU A 422 6.95 -7.48 -20.53
CA LEU A 422 8.26 -8.04 -20.20
C LEU A 422 8.47 -7.90 -18.70
N PHE A 423 8.76 -9.02 -18.04
CA PHE A 423 8.94 -9.03 -16.60
C PHE A 423 10.31 -8.49 -16.21
N SER A 424 10.37 -7.81 -15.07
CA SER A 424 11.63 -7.27 -14.59
C SER A 424 12.60 -8.39 -14.25
N GLY A 425 13.89 -8.10 -14.44
CA GLY A 425 14.92 -9.09 -14.22
C GLY A 425 16.00 -9.02 -15.28
N THR A 426 16.28 -10.15 -15.91
CA THR A 426 17.27 -10.20 -16.98
C THR A 426 16.62 -10.70 -18.26
N VAL A 427 17.29 -10.45 -19.39
CA VAL A 427 16.79 -10.93 -20.68
C VAL A 427 16.74 -12.45 -20.68
N ALA A 428 17.75 -13.09 -20.08
CA ALA A 428 17.73 -14.55 -19.96
C ALA A 428 16.54 -15.02 -19.15
N GLU A 429 16.24 -14.33 -18.04
CA GLU A 429 15.09 -14.70 -17.24
C GLU A 429 13.79 -14.52 -18.01
N ASN A 430 13.66 -13.42 -18.75
CA ASN A 430 12.45 -13.19 -19.52
C ASN A 430 12.28 -14.23 -20.62
N LEU A 431 13.37 -14.59 -21.29
CA LEU A 431 13.29 -15.62 -22.32
C LEU A 431 13.03 -17.00 -21.72
N ARG A 432 13.40 -17.19 -20.45
CA ARG A 432 13.16 -18.48 -19.80
C ARG A 432 11.68 -18.77 -19.59
N TYR A 433 10.82 -17.75 -19.66
CA TYR A 433 9.39 -18.00 -19.55
C TYR A 433 8.90 -18.85 -20.71
N GLY A 434 9.57 -18.78 -21.86
CA GLY A 434 9.21 -19.66 -22.97
C GLY A 434 9.52 -21.12 -22.68
N ARG A 435 10.71 -21.39 -22.11
CA ARG A 435 11.20 -22.75 -21.97
C ARG A 435 11.41 -23.17 -20.53
N ALA A 436 12.06 -22.33 -19.72
CA ALA A 436 12.37 -22.58 -18.30
C ALA A 436 13.45 -23.63 -18.13
N ASP A 437 13.87 -24.26 -19.23
CA ASP A 437 14.98 -25.21 -19.22
C ASP A 437 15.94 -24.93 -20.38
N ALA A 438 15.83 -23.76 -21.00
CA ALA A 438 16.64 -23.46 -22.17
C ALA A 438 18.08 -23.19 -21.78
N THR A 439 19.00 -23.78 -22.54
CA THR A 439 20.42 -23.51 -22.36
C THR A 439 20.77 -22.17 -22.99
N ASP A 440 21.99 -21.70 -22.72
CA ASP A 440 22.43 -20.43 -23.27
C ASP A 440 22.54 -20.47 -24.79
N ASP A 441 22.90 -21.63 -25.35
CA ASP A 441 23.05 -21.75 -26.79
C ASP A 441 21.71 -21.56 -27.50
N GLU A 442 20.66 -22.24 -27.03
CA GLU A 442 19.36 -22.08 -27.65
C GLU A 442 18.74 -20.72 -27.34
N MET A 443 19.10 -20.14 -26.19
CA MET A 443 18.68 -18.76 -25.91
C MET A 443 19.26 -17.80 -26.92
N TRP A 444 20.56 -17.95 -27.22
CA TRP A 444 21.18 -17.10 -28.24
C TRP A 444 20.62 -17.38 -29.62
N GLU A 445 20.28 -18.63 -29.92
CA GLU A 445 19.66 -18.94 -31.21
C GLU A 445 18.29 -18.28 -31.32
N ALA A 446 17.50 -18.31 -30.25
CA ALA A 446 16.20 -17.64 -30.26
C ALA A 446 16.35 -16.15 -30.43
N LEU A 447 17.35 -15.55 -29.76
CA LEU A 447 17.61 -14.13 -29.94
C LEU A 447 18.01 -13.81 -31.37
N ARG A 448 18.84 -14.67 -31.97
CA ARG A 448 19.26 -14.45 -33.36
C ARG A 448 18.09 -14.56 -34.32
N VAL A 449 17.18 -15.51 -34.08
CA VAL A 449 16.03 -15.68 -34.96
C VAL A 449 15.16 -14.41 -34.95
N ALA A 450 14.92 -13.86 -33.77
CA ALA A 450 14.10 -12.66 -33.64
C ALA A 450 14.88 -11.37 -33.88
N ALA A 451 16.07 -11.46 -34.46
CA ALA A 451 16.95 -10.32 -34.72
C ALA A 451 17.27 -9.54 -33.45
N ALA A 452 17.15 -10.18 -32.29
CA ALA A 452 17.38 -9.55 -31.01
C ALA A 452 18.74 -9.89 -30.43
N ALA A 453 19.60 -10.56 -31.20
CA ALA A 453 20.91 -10.95 -30.67
C ALA A 453 21.89 -9.78 -30.61
N ASP A 454 21.78 -8.82 -31.53
CA ASP A 454 22.78 -7.75 -31.59
C ASP A 454 22.73 -6.86 -30.36
N PHE A 455 21.53 -6.38 -30.00
CA PHE A 455 21.44 -5.44 -28.89
C PHE A 455 21.54 -6.13 -27.52
N VAL A 456 21.54 -7.46 -27.49
CA VAL A 456 21.84 -8.17 -26.25
C VAL A 456 23.33 -8.46 -26.14
N ARG A 457 23.96 -8.83 -27.27
CA ARG A 457 25.41 -9.00 -27.28
C ARG A 457 26.14 -7.69 -27.04
N ALA A 458 25.50 -6.55 -27.39
CA ALA A 458 26.13 -5.26 -27.18
C ALA A 458 26.33 -4.98 -25.69
N HIS A 459 25.35 -5.36 -24.87
CA HIS A 459 25.46 -5.11 -23.43
C HIS A 459 26.62 -5.91 -22.85
N PRO A 460 27.40 -5.32 -21.94
CA PRO A 460 28.54 -6.05 -21.36
C PRO A 460 28.15 -7.29 -20.57
N GLN A 461 26.92 -7.37 -20.08
CA GLN A 461 26.47 -8.52 -19.31
C GLN A 461 25.82 -9.59 -20.16
N GLY A 462 25.72 -9.38 -21.47
CA GLY A 462 25.18 -10.41 -22.35
C GLY A 462 23.74 -10.73 -22.03
N LEU A 463 23.46 -12.02 -21.82
CA LEU A 463 22.11 -12.46 -21.50
C LEU A 463 21.62 -11.94 -20.16
N ASP A 464 22.53 -11.49 -19.29
CA ASP A 464 22.17 -11.02 -17.96
C ASP A 464 21.94 -9.51 -17.92
N MET A 465 21.66 -8.88 -19.06
CA MET A 465 21.38 -7.46 -19.06
C MET A 465 20.07 -7.19 -18.33
N PRO A 466 19.99 -6.12 -17.54
CA PRO A 466 18.78 -5.88 -16.74
C PRO A 466 17.60 -5.49 -17.62
N VAL A 467 16.40 -5.81 -17.13
CA VAL A 467 15.15 -5.45 -17.77
C VAL A 467 14.29 -4.71 -16.76
N ALA A 468 13.74 -3.57 -17.16
CA ALA A 468 12.91 -2.78 -16.26
C ALA A 468 11.57 -3.49 -16.04
N GLN A 469 10.69 -2.84 -15.28
CA GLN A 469 9.43 -3.47 -14.89
C GLN A 469 8.58 -3.82 -16.10
N GLY A 470 8.45 -2.90 -17.05
CA GLY A 470 7.67 -3.15 -18.25
C GLY A 470 8.52 -3.16 -19.50
N GLY A 471 9.84 -3.31 -19.32
CA GLY A 471 10.75 -3.16 -20.45
C GLY A 471 10.96 -1.75 -20.89
N ILE A 472 10.69 -0.77 -20.03
CA ILE A 472 10.82 0.64 -20.40
C ILE A 472 12.27 1.08 -20.59
N ASN A 473 13.23 0.22 -20.24
CA ASN A 473 14.63 0.48 -20.54
C ASN A 473 15.02 -0.02 -21.93
N PHE A 474 14.05 -0.48 -22.70
CA PHE A 474 14.24 -0.85 -24.10
C PHE A 474 13.30 -0.03 -24.97
N SER A 475 13.62 0.03 -26.25
CA SER A 475 12.71 0.65 -27.21
C SER A 475 11.52 -0.26 -27.45
N GLY A 476 10.46 0.32 -28.03
CA GLY A 476 9.26 -0.46 -28.31
C GLY A 476 9.54 -1.62 -29.27
N GLY A 477 10.30 -1.35 -30.33
CA GLY A 477 10.68 -2.42 -31.23
C GLY A 477 11.57 -3.45 -30.58
N GLN A 478 12.45 -3.02 -29.67
CA GLN A 478 13.26 -3.98 -28.92
C GLN A 478 12.40 -4.85 -28.03
N ARG A 479 11.38 -4.27 -27.40
CA ARG A 479 10.43 -5.07 -26.62
C ARG A 479 9.70 -6.07 -27.50
N GLN A 480 9.28 -5.64 -28.69
CA GLN A 480 8.59 -6.55 -29.60
C GLN A 480 9.51 -7.69 -30.03
N ARG A 481 10.78 -7.39 -30.30
CA ARG A 481 11.72 -8.44 -30.69
C ARG A 481 12.01 -9.38 -29.53
N LEU A 482 12.06 -8.86 -28.31
CA LEU A 482 12.23 -9.74 -27.15
C LEU A 482 11.03 -10.66 -26.98
N ALA A 483 9.83 -10.14 -27.19
CA ALA A 483 8.63 -10.99 -27.12
C ALA A 483 8.64 -12.04 -28.22
N ILE A 484 9.08 -11.66 -29.42
CA ILE A 484 9.18 -12.63 -30.51
C ILE A 484 10.19 -13.72 -30.18
N ALA A 485 11.32 -13.33 -29.58
CA ALA A 485 12.32 -14.32 -29.18
C ALA A 485 11.77 -15.25 -28.09
N ARG A 486 11.01 -14.70 -27.15
CA ARG A 486 10.40 -15.52 -26.12
C ARG A 486 9.42 -16.53 -26.73
N ALA A 487 8.63 -16.09 -27.71
CA ALA A 487 7.73 -17.01 -28.39
C ALA A 487 8.49 -18.06 -29.19
N VAL A 488 9.61 -17.67 -29.80
CA VAL A 488 10.37 -18.59 -30.64
C VAL A 488 11.05 -19.66 -29.80
N ILE A 489 11.61 -19.29 -28.65
CA ILE A 489 12.35 -20.23 -27.82
C ILE A 489 11.48 -21.39 -27.37
N ARG A 490 10.17 -21.22 -27.37
CA ARG A 490 9.27 -22.32 -27.04
C ARG A 490 9.23 -23.39 -28.13
N ARG A 491 9.60 -23.04 -29.35
CA ARG A 491 9.41 -23.90 -30.51
C ARG A 491 7.99 -24.46 -30.56
N PRO A 492 6.97 -23.61 -30.56
CA PRO A 492 5.60 -24.09 -30.48
C PRO A 492 5.08 -24.60 -31.82
N ALA A 493 3.99 -25.34 -31.76
CA ALA A 493 3.33 -25.82 -32.97
C ALA A 493 2.53 -24.73 -33.66
N ILE A 494 1.93 -23.82 -32.89
CA ILE A 494 1.10 -22.75 -33.43
C ILE A 494 1.66 -21.42 -32.98
N TYR A 495 1.93 -20.54 -33.93
CA TYR A 495 2.37 -19.18 -33.66
C TYR A 495 1.20 -18.22 -33.86
N LEU A 496 1.01 -17.30 -32.91
CA LEU A 496 -0.07 -16.31 -32.95
C LEU A 496 0.56 -14.93 -32.79
N PHE A 497 0.98 -14.34 -33.90
CA PHE A 497 1.63 -13.02 -33.88
C PHE A 497 0.55 -11.96 -33.97
N ASP A 498 0.13 -11.47 -32.80
CA ASP A 498 -0.90 -10.43 -32.72
C ASP A 498 -0.22 -9.07 -32.82
N ASP A 499 0.06 -8.66 -34.06
CA ASP A 499 0.73 -7.39 -34.34
C ASP A 499 2.07 -7.31 -33.62
N ALA A 500 2.94 -8.26 -33.94
CA ALA A 500 4.26 -8.34 -33.33
C ALA A 500 5.34 -7.66 -34.16
N PHE A 501 4.99 -7.06 -35.29
CA PHE A 501 5.95 -6.37 -36.15
C PHE A 501 5.55 -4.92 -36.39
N SER A 502 4.73 -4.34 -35.52
CA SER A 502 4.25 -2.98 -35.73
C SER A 502 5.36 -1.95 -35.54
N ALA A 503 6.27 -2.19 -34.59
CA ALA A 503 7.32 -1.24 -34.27
C ALA A 503 8.66 -1.60 -34.90
N LEU A 504 8.70 -2.57 -35.80
CA LEU A 504 9.92 -2.96 -36.48
C LEU A 504 10.00 -2.32 -37.86
N ASP A 505 11.18 -1.82 -38.20
CA ASP A 505 11.39 -1.24 -39.51
C ASP A 505 11.30 -2.31 -40.59
N VAL A 506 11.27 -1.88 -41.85
CA VAL A 506 11.05 -2.80 -42.96
C VAL A 506 12.18 -3.83 -43.03
N HIS A 507 13.42 -3.39 -42.86
CA HIS A 507 14.55 -4.31 -42.94
C HIS A 507 14.50 -5.34 -41.82
N THR A 508 14.33 -4.88 -40.58
CA THR A 508 14.28 -5.80 -39.45
C THR A 508 13.05 -6.70 -39.53
N ASP A 509 11.91 -6.15 -39.94
CA ASP A 509 10.69 -6.95 -40.07
C ASP A 509 10.90 -8.06 -41.10
N ALA A 510 11.49 -7.72 -42.24
CA ALA A 510 11.74 -8.71 -43.28
C ALA A 510 12.73 -9.78 -42.80
N ARG A 511 13.77 -9.35 -42.08
CA ARG A 511 14.75 -10.32 -41.56
C ARG A 511 14.09 -11.28 -40.58
N VAL A 512 13.26 -10.75 -39.67
CA VAL A 512 12.58 -11.60 -38.70
C VAL A 512 11.63 -12.55 -39.41
N ARG A 513 10.89 -12.07 -40.40
CA ARG A 513 9.98 -12.93 -41.13
C ARG A 513 10.74 -14.04 -41.88
N ASP A 514 11.88 -13.71 -42.47
CA ASP A 514 12.66 -14.73 -43.17
C ASP A 514 13.20 -15.78 -42.20
N ALA A 515 13.72 -15.33 -41.05
CA ALA A 515 14.21 -16.29 -40.06
C ALA A 515 13.09 -17.17 -39.55
N LEU A 516 11.91 -16.59 -39.32
CA LEU A 516 10.75 -17.38 -38.89
C LEU A 516 10.36 -18.39 -39.94
N ARG A 517 10.31 -17.97 -41.21
CA ARG A 517 9.95 -18.89 -42.29
C ARG A 517 10.96 -20.02 -42.40
N GLU A 518 12.22 -19.73 -42.12
CA GLU A 518 13.23 -20.80 -42.08
C GLU A 518 13.00 -21.73 -40.89
N VAL A 519 12.55 -21.18 -39.76
CA VAL A 519 12.38 -21.97 -38.54
C VAL A 519 10.97 -22.52 -38.42
N ALA A 520 9.95 -21.69 -38.65
CA ALA A 520 8.56 -22.07 -38.46
C ALA A 520 7.92 -22.62 -39.73
N ALA A 521 8.70 -23.26 -40.60
CA ALA A 521 8.14 -23.83 -41.83
C ALA A 521 7.13 -24.92 -41.51
N ASP A 522 7.42 -25.74 -40.50
CA ASP A 522 6.54 -26.85 -40.13
C ASP A 522 5.50 -26.46 -39.09
N ALA A 523 5.45 -25.20 -38.67
CA ALA A 523 4.54 -24.75 -37.63
C ALA A 523 3.48 -23.83 -38.19
N THR A 524 2.25 -24.00 -37.73
CA THR A 524 1.15 -23.13 -38.14
C THR A 524 1.37 -21.72 -37.58
N VAL A 525 1.17 -20.72 -38.43
CA VAL A 525 1.39 -19.32 -38.06
C VAL A 525 0.13 -18.53 -38.41
N VAL A 526 -0.42 -17.82 -37.42
CA VAL A 526 -1.51 -16.88 -37.63
C VAL A 526 -0.97 -15.51 -37.24
N ILE A 527 -0.80 -14.63 -38.23
CA ILE A 527 -0.18 -13.33 -38.03
C ILE A 527 -1.20 -12.25 -38.31
N VAL A 528 -1.39 -11.36 -37.34
CA VAL A 528 -2.28 -10.21 -37.49
C VAL A 528 -1.41 -9.02 -37.82
N SER A 529 -1.61 -8.43 -39.00
CA SER A 529 -0.74 -7.37 -39.49
C SER A 529 -1.55 -6.33 -40.24
N GLN A 530 -0.98 -5.14 -40.34
CA GLN A 530 -1.59 -4.04 -41.08
C GLN A 530 -0.97 -3.81 -42.45
N ARG A 531 0.29 -4.20 -42.63
CA ARG A 531 0.98 -3.99 -43.90
C ARG A 531 0.60 -5.09 -44.89
N ILE A 532 0.17 -4.68 -46.09
CA ILE A 532 -0.15 -5.65 -47.12
C ILE A 532 1.11 -6.37 -47.59
N SER A 533 2.27 -5.72 -47.51
CA SER A 533 3.50 -6.30 -48.02
C SER A 533 3.85 -7.60 -47.30
N THR A 534 3.39 -7.78 -46.08
CA THR A 534 3.72 -8.97 -45.30
C THR A 534 2.75 -10.12 -45.51
N VAL A 535 1.67 -9.93 -46.27
CA VAL A 535 0.59 -10.91 -46.31
C VAL A 535 0.53 -11.68 -47.63
N ILE A 536 1.32 -11.31 -48.64
CA ILE A 536 1.34 -12.11 -49.86
C ILE A 536 1.92 -13.49 -49.58
N GLU A 537 2.98 -13.55 -48.77
CA GLU A 537 3.58 -14.83 -48.42
C GLU A 537 2.64 -15.73 -47.64
N ALA A 538 1.62 -15.17 -47.00
CA ALA A 538 0.62 -15.99 -46.32
C ALA A 538 -0.18 -16.78 -47.34
N ASP A 539 -0.33 -18.08 -47.10
CA ASP A 539 -1.08 -18.94 -48.02
C ASP A 539 -2.54 -18.52 -48.09
N GLN A 540 -3.14 -18.18 -46.96
CA GLN A 540 -4.52 -17.73 -46.90
C GLN A 540 -4.59 -16.42 -46.14
N VAL A 541 -5.37 -15.47 -46.67
CA VAL A 541 -5.57 -14.17 -46.05
C VAL A 541 -7.06 -13.99 -45.80
N VAL A 542 -7.42 -13.58 -44.60
CA VAL A 542 -8.80 -13.38 -44.20
C VAL A 542 -9.01 -11.91 -43.86
N VAL A 543 -10.05 -11.32 -44.46
CA VAL A 543 -10.42 -9.93 -44.20
C VAL A 543 -11.73 -9.92 -43.43
N ILE A 544 -11.74 -9.22 -42.30
CA ILE A 544 -12.92 -9.11 -41.45
C ILE A 544 -13.27 -7.63 -41.31
N ASP A 545 -14.54 -7.31 -41.49
CA ASP A 545 -15.05 -5.96 -41.27
C ASP A 545 -16.35 -6.05 -40.49
N ASP A 546 -16.52 -5.13 -39.54
CA ASP A 546 -17.67 -5.07 -38.64
C ASP A 546 -17.77 -6.35 -37.78
N GLY A 547 -16.72 -7.17 -37.77
CA GLY A 547 -16.71 -8.38 -36.99
C GLY A 547 -17.03 -9.65 -37.75
N ARG A 548 -17.24 -9.57 -39.06
CA ARG A 548 -17.57 -10.74 -39.86
C ARG A 548 -16.59 -10.83 -41.04
N VAL A 549 -16.33 -12.07 -41.46
CA VAL A 549 -15.41 -12.30 -42.56
C VAL A 549 -16.03 -11.80 -43.85
N VAL A 550 -15.32 -10.89 -44.53
CA VAL A 550 -15.80 -10.31 -45.79
C VAL A 550 -14.97 -10.77 -46.98
N GLY A 551 -13.92 -11.56 -46.76
CA GLY A 551 -13.10 -12.04 -47.85
C GLY A 551 -12.12 -13.12 -47.42
N ILE A 552 -12.09 -14.22 -48.17
CA ILE A 552 -11.22 -15.35 -47.88
C ILE A 552 -10.48 -15.72 -49.16
N GLY A 553 -9.18 -15.87 -49.06
CA GLY A 553 -8.37 -16.26 -50.21
C GLY A 553 -6.99 -15.66 -50.10
N THR A 554 -6.19 -15.93 -51.13
CA THR A 554 -4.83 -15.39 -51.18
C THR A 554 -4.88 -13.93 -51.59
N HIS A 555 -3.70 -13.34 -51.81
CA HIS A 555 -3.62 -11.92 -52.10
C HIS A 555 -4.33 -11.56 -53.39
N ASP A 556 -4.14 -12.37 -54.44
CA ASP A 556 -4.69 -12.02 -55.75
C ASP A 556 -6.21 -12.15 -55.77
N THR A 557 -6.74 -13.25 -55.24
CA THR A 557 -8.19 -13.42 -55.23
C THR A 557 -8.87 -12.39 -54.34
N LEU A 558 -8.23 -12.01 -53.23
CA LEU A 558 -8.80 -10.96 -52.39
C LEU A 558 -8.75 -9.61 -53.07
N LEU A 559 -7.66 -9.30 -53.76
CA LEU A 559 -7.58 -8.05 -54.50
C LEU A 559 -8.59 -8.00 -55.65
N ALA A 560 -8.94 -9.14 -56.22
CA ALA A 560 -9.87 -9.18 -57.35
C ALA A 560 -11.34 -9.28 -56.94
N ASP A 561 -11.64 -9.87 -55.78
CA ASP A 561 -13.03 -10.12 -55.39
C ASP A 561 -13.49 -9.38 -54.15
N CYS A 562 -12.58 -9.01 -53.25
CA CYS A 562 -12.99 -8.36 -52.00
C CYS A 562 -12.74 -6.87 -52.10
N PRO A 563 -13.79 -6.04 -52.09
CA PRO A 563 -13.57 -4.58 -52.20
C PRO A 563 -12.76 -3.99 -51.07
N ILE A 564 -12.90 -4.53 -49.85
CA ILE A 564 -12.19 -3.97 -48.71
C ILE A 564 -10.69 -4.20 -48.83
N TYR A 565 -10.29 -5.42 -49.23
CA TYR A 565 -8.87 -5.70 -49.42
C TYR A 565 -8.31 -4.90 -50.58
N ALA A 566 -9.10 -4.70 -51.64
CA ALA A 566 -8.66 -3.86 -52.74
C ALA A 566 -8.45 -2.42 -52.28
N GLU A 567 -9.35 -1.91 -51.42
CA GLU A 567 -9.16 -0.58 -50.85
C GLU A 567 -7.90 -0.51 -50.01
N PHE A 568 -7.65 -1.55 -49.21
CA PHE A 568 -6.43 -1.58 -48.38
C PHE A 568 -5.19 -1.54 -49.25
N ALA A 569 -5.16 -2.37 -50.30
CA ALA A 569 -4.00 -2.41 -51.19
C ALA A 569 -3.81 -1.08 -51.91
N GLU A 570 -4.91 -0.47 -52.37
CA GLU A 570 -4.81 0.82 -53.04
C GLU A 570 -4.28 1.89 -52.09
N SER A 571 -4.75 1.88 -50.84
CA SER A 571 -4.27 2.85 -49.87
C SER A 571 -2.78 2.66 -49.57
N GLN A 572 -2.34 1.41 -49.45
CA GLN A 572 -0.94 1.17 -49.09
C GLN A 572 0.00 1.17 -50.29
N ALA A 573 -0.52 1.22 -51.51
CA ALA A 573 0.33 1.21 -52.69
C ALA A 573 1.23 2.44 -52.74
N LEU A 574 2.45 2.25 -53.21
CA LEU A 574 3.42 3.33 -53.32
C LEU A 574 3.51 3.81 -54.76
N THR B 1 23.44 1.24 6.41
CA THR B 1 22.28 0.84 5.62
C THR B 1 21.14 1.83 5.80
N ARG B 2 20.28 1.57 6.79
CA ARG B 2 19.13 2.43 7.09
C ARG B 2 19.28 2.98 8.50
N ASP B 3 19.17 4.29 8.65
CA ASP B 3 19.29 4.96 9.94
C ASP B 3 17.90 5.23 10.48
N PHE B 4 17.54 4.55 11.56
CA PHE B 4 16.22 4.68 12.16
C PHE B 4 16.15 5.82 13.17
N LYS B 5 17.22 6.05 13.93
CA LYS B 5 17.22 7.12 14.93
C LYS B 5 17.10 8.49 14.29
N GLY B 6 17.82 8.72 13.18
CA GLY B 6 17.73 10.00 12.50
C GLY B 6 16.35 10.24 11.92
N SER B 7 15.74 9.20 11.34
CA SER B 7 14.39 9.35 10.83
C SER B 7 13.40 9.60 11.95
N ALA B 8 13.59 8.94 13.10
CA ALA B 8 12.70 9.15 14.23
C ALA B 8 12.81 10.58 14.75
N ILE B 9 14.02 11.11 14.86
CA ILE B 9 14.17 12.47 15.37
C ILE B 9 13.66 13.48 14.36
N ARG B 10 13.83 13.22 13.06
CA ARG B 10 13.25 14.09 12.05
C ARG B 10 11.72 14.09 12.11
N LEU B 11 11.12 12.91 12.30
CA LEU B 11 9.68 12.82 12.42
C LEU B 11 9.19 13.54 13.66
N ALA B 12 9.91 13.42 14.77
CA ALA B 12 9.54 14.13 15.99
C ALA B 12 9.64 15.64 15.80
N ARG B 13 10.68 16.10 15.10
CA ARG B 13 10.82 17.53 14.84
C ARG B 13 9.69 18.04 13.94
N ARG B 14 9.30 17.25 12.94
CA ARG B 14 8.15 17.63 12.13
C ARG B 14 6.87 17.66 12.94
N LEU B 15 6.70 16.69 13.83
CA LEU B 15 5.50 16.64 14.68
C LEU B 15 5.41 17.85 15.60
N LEU B 16 6.55 18.25 16.18
CA LEU B 16 6.59 19.34 17.15
C LEU B 16 7.48 20.45 16.61
N PRO B 17 6.91 21.38 15.82
CA PRO B 17 7.69 22.51 15.34
C PRO B 17 7.99 23.52 16.43
N GLN B 18 8.51 24.69 16.04
CA GLN B 18 8.88 25.74 16.97
C GLN B 18 7.73 26.11 17.91
N ARG B 19 8.06 26.76 19.03
CA ARG B 19 7.12 26.95 20.13
C ARG B 19 6.05 27.97 19.76
N ALA B 20 5.08 27.51 18.98
CA ALA B 20 3.87 28.26 18.70
C ALA B 20 2.63 27.58 19.25
N LEU B 21 2.42 26.31 18.91
CA LEU B 21 1.36 25.49 19.48
C LEU B 21 1.89 24.34 20.32
N THR B 22 3.09 23.83 20.00
CA THR B 22 3.68 22.76 20.79
C THR B 22 4.00 23.22 22.20
N LEU B 23 4.36 24.49 22.37
CA LEU B 23 4.58 25.01 23.71
C LEU B 23 3.30 24.96 24.55
N ALA B 24 2.18 25.36 23.95
CA ALA B 24 0.90 25.26 24.66
C ALA B 24 0.54 23.81 24.95
N VAL B 25 0.82 22.91 24.00
CA VAL B 25 0.54 21.49 24.20
C VAL B 25 1.34 20.98 25.39
N ILE B 26 2.64 21.30 25.44
CA ILE B 26 3.50 20.82 26.51
C ILE B 26 3.05 21.40 27.86
N LEU B 27 2.72 22.70 27.88
CA LEU B 27 2.29 23.31 29.12
C LEU B 27 0.99 22.70 29.63
N LEU B 28 0.02 22.48 28.74
CA LEU B 28 -1.24 21.86 29.14
C LEU B 28 -1.01 20.45 29.65
N GLY B 29 -0.17 19.68 28.96
CA GLY B 29 0.12 18.33 29.41
C GLY B 29 0.77 18.31 30.78
N VAL B 30 1.76 19.19 30.99
CA VAL B 30 2.46 19.23 32.28
C VAL B 30 1.49 19.62 33.39
N GLY B 31 0.66 20.64 33.15
CA GLY B 31 -0.28 21.06 34.16
C GLY B 31 -1.28 19.98 34.50
N GLY B 32 -1.85 19.34 33.48
CA GLY B 32 -2.81 18.27 33.73
C GLY B 32 -2.19 17.09 34.46
N ILE B 33 -0.96 16.72 34.07
CA ILE B 33 -0.30 15.58 34.72
C ILE B 33 -0.01 15.90 36.17
N ALA B 34 0.48 17.11 36.47
CA ALA B 34 0.76 17.48 37.85
C ALA B 34 -0.51 17.50 38.68
N ILE B 35 -1.58 18.08 38.13
CA ILE B 35 -2.83 18.19 38.88
C ILE B 35 -3.41 16.80 39.15
N GLY B 36 -3.38 15.91 38.15
CA GLY B 36 -3.88 14.57 38.36
C GLY B 36 -3.00 13.71 39.25
N VAL B 37 -1.70 14.01 39.32
CA VAL B 37 -0.82 13.25 40.19
C VAL B 37 -0.94 13.73 41.64
N ILE B 38 -1.31 14.99 41.85
CA ILE B 38 -1.49 15.51 43.20
C ILE B 38 -2.59 14.74 43.93
N GLY B 39 -3.64 14.35 43.21
CA GLY B 39 -4.84 13.79 43.80
C GLY B 39 -4.68 12.58 44.70
N PRO B 40 -3.88 11.59 44.29
CA PRO B 40 -3.67 10.41 45.16
C PRO B 40 -3.13 10.77 46.53
N ARG B 41 -2.34 11.84 46.65
CA ARG B 41 -1.94 12.29 47.98
C ARG B 41 -3.15 12.71 48.81
N ILE B 42 -4.10 13.40 48.18
CA ILE B 42 -5.33 13.80 48.88
C ILE B 42 -6.14 12.58 49.30
N LEU B 43 -6.25 11.60 48.41
CA LEU B 43 -6.97 10.36 48.75
C LEU B 43 -6.28 9.64 49.89
N GLY B 44 -4.95 9.60 49.88
CA GLY B 44 -4.22 9.00 50.97
C GLY B 44 -4.43 9.73 52.28
N HIS B 45 -4.49 11.06 52.23
CA HIS B 45 -4.78 11.83 53.44
C HIS B 45 -6.16 11.51 53.98
N ALA B 46 -7.16 11.38 53.10
CA ALA B 46 -8.50 11.02 53.54
C ALA B 46 -8.52 9.64 54.18
N THR B 47 -7.83 8.67 53.57
CA THR B 47 -7.74 7.33 54.17
C THR B 47 -7.03 7.38 55.52
N ASP B 48 -5.99 8.19 55.63
CA ASP B 48 -5.29 8.36 56.89
C ASP B 48 -6.22 8.92 57.96
N LEU B 49 -7.05 9.90 57.58
CA LEU B 49 -8.01 10.46 58.53
C LEU B 49 -9.01 9.42 58.98
N LEU B 50 -9.52 8.61 58.04
CA LEU B 50 -10.47 7.56 58.40
C LEU B 50 -9.84 6.57 59.38
N PHE B 51 -8.62 6.12 59.07
CA PHE B 51 -7.95 5.15 59.94
C PHE B 51 -7.64 5.75 61.30
N ASN B 52 -7.21 7.02 61.33
CA ASN B 52 -6.94 7.69 62.59
C ASN B 52 -8.19 7.73 63.46
N GLY B 53 -9.32 8.14 62.88
CA GLY B 53 -10.55 8.19 63.64
C GLY B 53 -10.99 6.82 64.14
N VAL B 54 -10.91 5.81 63.27
CA VAL B 54 -11.36 4.47 63.65
C VAL B 54 -10.50 3.92 64.78
N ILE B 55 -9.18 4.07 64.67
CA ILE B 55 -8.29 3.56 65.71
C ILE B 55 -8.49 4.32 67.00
N GLY B 56 -8.61 5.64 66.94
CA GLY B 56 -8.76 6.43 68.15
C GLY B 56 -10.09 6.28 68.85
N ARG B 57 -11.14 5.88 68.12
CA ARG B 57 -12.43 5.67 68.75
C ARG B 57 -12.38 4.55 69.78
N GLU B 58 -11.68 3.47 69.46
CA GLU B 58 -11.63 2.32 70.38
C GLU B 58 -10.85 2.64 71.64
N LEU B 59 -9.80 3.44 71.54
CA LEU B 59 -8.97 3.75 72.70
C LEU B 59 -9.77 4.58 73.71
N PRO B 60 -9.49 4.42 75.01
CA PRO B 60 -10.20 5.20 76.02
C PRO B 60 -9.94 6.69 75.86
N ALA B 61 -10.96 7.49 76.15
CA ALA B 61 -10.87 8.94 75.99
C ALA B 61 -10.08 9.61 77.11
N GLY B 62 -9.86 8.92 78.23
CA GLY B 62 -9.16 9.51 79.35
C GLY B 62 -7.65 9.59 79.21
N LEU B 63 -7.10 9.00 78.14
CA LEU B 63 -5.66 8.99 77.91
C LEU B 63 -5.34 9.69 76.60
N THR B 64 -4.17 10.34 76.57
CA THR B 64 -3.70 10.96 75.34
C THR B 64 -2.91 9.95 74.51
N LYS B 65 -2.26 10.44 73.46
CA LYS B 65 -1.52 9.54 72.57
C LYS B 65 -0.35 8.89 73.29
N GLU B 66 0.41 9.67 74.08
CA GLU B 66 1.55 9.11 74.79
C GLU B 66 1.11 8.09 75.83
N GLN B 67 0.04 8.39 76.57
CA GLN B 67 -0.47 7.44 77.55
C GLN B 67 -0.98 6.17 76.87
N ALA B 68 -1.63 6.31 75.71
CA ALA B 68 -2.07 5.13 74.97
C ALA B 68 -0.88 4.30 74.52
N VAL B 69 0.19 4.97 74.05
CA VAL B 69 1.37 4.24 73.60
C VAL B 69 2.01 3.49 74.75
N GLU B 70 2.15 4.14 75.91
CA GLU B 70 2.80 3.46 77.04
C GLU B 70 1.91 2.34 77.59
N ALA B 71 0.59 2.52 77.52
CA ALA B 71 -0.32 1.45 77.93
C ALA B 71 -0.19 0.25 77.00
N ALA B 72 -0.10 0.50 75.68
CA ALA B 72 0.09 -0.58 74.73
C ALA B 72 1.44 -1.28 74.95
N ARG B 73 2.47 -0.50 75.29
CA ARG B 73 3.76 -1.09 75.63
C ARG B 73 3.66 -1.98 76.86
N ALA B 74 2.90 -1.54 77.86
CA ALA B 74 2.64 -2.38 79.03
C ALA B 74 1.86 -3.64 78.65
N ARG B 75 1.10 -3.59 77.56
CA ARG B 75 0.36 -4.74 77.08
C ARG B 75 1.28 -5.63 76.24
N GLY B 76 0.69 -6.60 75.53
CA GLY B 76 1.47 -7.62 74.89
C GLY B 76 1.89 -7.32 73.45
N ASP B 77 2.97 -7.99 73.05
CA ASP B 77 3.47 -8.08 71.68
C ASP B 77 4.15 -6.80 71.19
N GLY B 78 4.00 -5.70 71.92
CA GLY B 78 4.85 -4.54 71.70
C GLY B 78 4.56 -3.73 70.45
N THR B 79 4.09 -4.40 69.40
CA THR B 79 4.03 -3.79 68.07
C THR B 79 2.87 -2.81 67.91
N PHE B 80 1.80 -2.97 68.70
CA PHE B 80 0.68 -2.04 68.59
C PHE B 80 1.11 -0.63 68.99
N ALA B 81 1.93 -0.51 70.03
CA ALA B 81 2.43 0.79 70.44
C ALA B 81 3.32 1.41 69.35
N ASP B 82 4.14 0.58 68.70
CA ASP B 82 4.95 1.08 67.60
C ASP B 82 4.07 1.58 66.45
N LEU B 83 2.99 0.86 66.17
CA LEU B 83 2.06 1.32 65.14
C LEU B 83 1.40 2.64 65.52
N LEU B 84 1.01 2.79 66.78
CA LEU B 84 0.37 4.04 67.22
C LEU B 84 1.36 5.20 67.35
N SER B 85 2.66 4.91 67.46
CA SER B 85 3.63 5.98 67.67
C SER B 85 3.63 6.99 66.53
N GLY B 86 3.57 6.50 65.30
CA GLY B 86 3.53 7.37 64.14
C GLY B 86 2.14 7.72 63.66
N MET B 87 1.11 7.43 64.46
CA MET B 87 -0.27 7.57 64.02
C MET B 87 -0.87 8.94 64.30
N ASP B 88 -0.54 9.52 65.46
CA ASP B 88 -1.02 10.84 65.87
C ASP B 88 -2.56 10.86 65.94
N ILE B 89 -3.08 10.05 66.86
CA ILE B 89 -4.50 9.99 67.12
C ILE B 89 -4.84 10.86 68.33
N VAL B 90 -6.12 11.20 68.44
CA VAL B 90 -6.67 11.78 69.66
C VAL B 90 -7.68 10.76 70.19
N PRO B 91 -7.33 9.98 71.22
CA PRO B 91 -8.19 8.87 71.64
C PRO B 91 -9.57 9.35 72.08
N GLY B 92 -10.59 8.56 71.76
CA GLY B 92 -11.94 8.87 72.13
C GLY B 92 -12.60 9.94 71.28
N GLN B 93 -12.09 10.21 70.08
CA GLN B 93 -12.63 11.24 69.22
C GLN B 93 -13.54 10.70 68.13
N GLY B 94 -13.13 9.64 67.43
CA GLY B 94 -13.88 9.14 66.30
C GLY B 94 -13.48 9.80 65.00
N VAL B 95 -14.20 9.43 63.95
CA VAL B 95 -13.92 9.90 62.60
C VAL B 95 -14.66 11.21 62.37
N ASP B 96 -13.94 12.24 61.92
CA ASP B 96 -14.53 13.52 61.56
C ASP B 96 -14.87 13.49 60.08
N PHE B 97 -16.15 13.29 59.78
CA PHE B 97 -16.58 13.14 58.40
C PHE B 97 -16.62 14.46 57.63
N GLY B 98 -16.68 15.59 58.34
CA GLY B 98 -16.65 16.87 57.64
C GLY B 98 -15.32 17.12 56.94
N ALA B 99 -14.22 16.83 57.63
CA ALA B 99 -12.90 16.98 57.01
C ALA B 99 -12.72 15.98 55.87
N VAL B 100 -13.25 14.76 56.02
CA VAL B 100 -13.20 13.79 54.94
C VAL B 100 -13.95 14.31 53.71
N GLY B 101 -15.14 14.87 53.94
CA GLY B 101 -15.90 15.43 52.84
C GLY B 101 -15.19 16.58 52.16
N ARG B 102 -14.58 17.46 52.95
CA ARG B 102 -13.83 18.57 52.37
C ARG B 102 -12.66 18.07 51.53
N THR B 103 -11.91 17.09 52.05
CA THR B 103 -10.77 16.54 51.34
C THR B 103 -11.20 15.88 50.03
N LEU B 104 -12.30 15.12 50.07
CA LEU B 104 -12.77 14.46 48.86
C LEU B 104 -13.34 15.45 47.85
N ALA B 105 -13.97 16.53 48.32
CA ALA B 105 -14.42 17.58 47.41
C ALA B 105 -13.23 18.24 46.71
N LEU B 106 -12.16 18.52 47.46
CA LEU B 106 -10.95 19.07 46.84
C LEU B 106 -10.37 18.11 45.81
N ALA B 107 -10.33 16.82 46.15
CA ALA B 107 -9.84 15.82 45.19
C ALA B 107 -10.69 15.79 43.94
N LEU B 108 -12.02 15.86 44.10
CA LEU B 108 -12.90 15.83 42.94
C LEU B 108 -12.69 17.04 42.05
N GLY B 109 -12.56 18.22 42.65
CA GLY B 109 -12.30 19.41 41.86
C GLY B 109 -11.00 19.34 41.10
N LEU B 110 -9.94 18.88 41.77
CA LEU B 110 -8.65 18.74 41.09
C LEU B 110 -8.73 17.74 39.96
N TYR B 111 -9.43 16.62 40.17
CA TYR B 111 -9.56 15.61 39.12
C TYR B 111 -10.34 16.16 37.93
N LEU B 112 -11.40 16.93 38.17
CA LEU B 112 -12.13 17.56 37.08
C LEU B 112 -11.23 18.51 36.29
N VAL B 113 -10.45 19.32 36.98
CA VAL B 113 -9.55 20.25 36.31
C VAL B 113 -8.53 19.49 35.46
N ALA B 114 -7.98 18.40 36.02
CA ALA B 114 -7.00 17.60 35.27
C ALA B 114 -7.63 16.99 34.03
N ALA B 115 -8.86 16.48 34.14
CA ALA B 115 -9.51 15.90 32.97
C ALA B 115 -9.74 16.95 31.89
N LEU B 116 -10.18 18.15 32.27
CA LEU B 116 -10.38 19.20 31.29
C LEU B 116 -9.08 19.57 30.60
N LEU B 117 -7.99 19.69 31.38
CA LEU B 117 -6.70 20.03 30.80
C LEU B 117 -6.23 18.94 29.82
N VAL B 118 -6.44 17.68 30.20
CA VAL B 118 -6.04 16.57 29.32
C VAL B 118 -6.83 16.62 28.02
N TRP B 119 -8.13 16.92 28.10
CA TRP B 119 -8.94 17.00 26.89
C TRP B 119 -8.44 18.10 25.97
N VAL B 120 -8.16 19.28 26.52
CA VAL B 120 -7.68 20.39 25.70
C VAL B 120 -6.34 20.05 25.05
N GLN B 121 -5.44 19.45 25.84
CA GLN B 121 -4.14 19.07 25.29
C GLN B 121 -4.27 18.05 24.18
N ALA B 122 -5.17 17.07 24.34
CA ALA B 122 -5.39 16.07 23.31
C ALA B 122 -5.91 16.70 22.03
N ARG B 123 -6.84 17.66 22.16
CA ARG B 123 -7.35 18.33 20.96
C ARG B 123 -6.24 19.10 20.24
N LEU B 124 -5.40 19.81 21.00
CA LEU B 124 -4.31 20.55 20.37
C LEU B 124 -3.32 19.59 19.70
N LEU B 125 -3.04 18.47 20.35
CA LEU B 125 -2.15 17.46 19.75
C LEU B 125 -2.72 16.93 18.44
N ASN B 126 -4.03 16.68 18.41
CA ASN B 126 -4.66 16.21 17.18
C ASN B 126 -4.52 17.26 16.07
N VAL B 127 -4.73 18.54 16.41
CA VAL B 127 -4.60 19.60 15.42
C VAL B 127 -3.20 19.63 14.84
N THR B 128 -2.18 19.61 15.70
CA THR B 128 -0.80 19.70 15.20
C THR B 128 -0.40 18.44 14.42
N VAL B 129 -0.90 17.27 14.83
CA VAL B 129 -0.59 16.04 14.09
C VAL B 129 -1.18 16.11 12.69
N GLN B 130 -2.42 16.59 12.56
CA GLN B 130 -3.02 16.70 11.24
C GLN B 130 -2.29 17.72 10.38
N ARG B 131 -1.86 18.84 10.97
CA ARG B 131 -1.08 19.82 10.21
C ARG B 131 0.21 19.21 9.67
N THR B 132 0.91 18.47 10.54
CA THR B 132 2.16 17.83 10.12
C THR B 132 1.90 16.82 9.00
N MET B 133 0.82 16.05 9.11
CA MET B 133 0.52 15.06 8.08
C MET B 133 0.19 15.72 6.74
N VAL B 134 -0.54 16.84 6.78
CA VAL B 134 -0.84 17.58 5.55
C VAL B 134 0.45 18.04 4.89
N ALA B 135 1.36 18.62 5.70
CA ALA B 135 2.63 19.08 5.15
C ALA B 135 3.42 17.93 4.54
N LEU B 136 3.43 16.77 5.22
CA LEU B 136 4.17 15.62 4.71
C LEU B 136 3.61 15.14 3.38
N ARG B 137 2.29 15.04 3.27
CA ARG B 137 1.68 14.58 2.01
C ARG B 137 1.98 15.55 0.88
N ALA B 138 1.88 16.86 1.16
CA ALA B 138 2.17 17.85 0.12
C ALA B 138 3.62 17.75 -0.34
N GLU B 139 4.55 17.58 0.61
CA GLU B 139 5.95 17.44 0.25
C GLU B 139 6.18 16.19 -0.60
N VAL B 140 5.53 15.09 -0.24
CA VAL B 140 5.69 13.85 -1.00
C VAL B 140 5.19 14.04 -2.43
N GLN B 141 4.03 14.68 -2.60
CA GLN B 141 3.50 14.89 -3.94
C GLN B 141 4.42 15.80 -4.77
N GLU B 142 4.93 16.87 -4.15
CA GLU B 142 5.84 17.75 -4.88
C GLU B 142 7.11 17.01 -5.28
N LYS B 143 7.63 16.17 -4.39
CA LYS B 143 8.81 15.38 -4.73
C LYS B 143 8.51 14.43 -5.88
N ILE B 144 7.33 13.82 -5.90
CA ILE B 144 6.93 12.98 -7.02
C ILE B 144 6.97 13.78 -8.31
N HIS B 145 6.45 15.01 -8.27
CA HIS B 145 6.43 15.84 -9.48
C HIS B 145 7.80 16.40 -9.84
N ARG B 146 8.79 16.32 -8.95
CA ARG B 146 10.12 16.83 -9.25
C ARG B 146 11.16 15.76 -9.56
N LEU B 147 10.83 14.48 -9.39
CA LEU B 147 11.81 13.43 -9.57
C LEU B 147 12.12 13.22 -11.06
N PRO B 148 13.34 12.81 -11.38
CA PRO B 148 13.67 12.49 -12.78
C PRO B 148 13.05 11.15 -13.20
N LEU B 149 12.98 10.97 -14.52
CA LEU B 149 12.37 9.75 -15.05
C LEU B 149 13.22 8.52 -14.78
N SER B 150 14.53 8.70 -14.59
CA SER B 150 15.39 7.56 -14.29
C SER B 150 15.06 6.95 -12.94
N TYR B 151 14.55 7.75 -12.00
CA TYR B 151 14.13 7.22 -10.71
C TYR B 151 12.98 6.23 -10.88
N PHE B 152 12.01 6.57 -11.72
CA PHE B 152 10.88 5.67 -11.96
C PHE B 152 11.26 4.49 -12.83
N ASP B 153 12.19 4.68 -13.77
CA ASP B 153 12.57 3.60 -14.66
C ASP B 153 13.42 2.55 -13.96
N SER B 154 14.03 2.91 -12.82
CA SER B 154 14.94 2.01 -12.12
C SER B 154 14.26 1.24 -10.99
N ARG B 155 12.95 1.37 -10.80
CA ARG B 155 12.25 0.72 -9.71
C ARG B 155 10.90 0.20 -10.20
N GLN B 156 10.31 -0.68 -9.40
CA GLN B 156 8.99 -1.19 -9.69
C GLN B 156 7.92 -0.18 -9.27
N ARG B 157 6.80 -0.19 -9.99
CA ARG B 157 5.72 0.74 -9.68
C ARG B 157 5.13 0.47 -8.30
N GLY B 158 4.99 -0.80 -7.94
CA GLY B 158 4.40 -1.14 -6.65
C GLY B 158 5.22 -0.65 -5.48
N GLU B 159 6.55 -0.76 -5.58
CA GLU B 159 7.41 -0.33 -4.47
C GLU B 159 7.29 1.18 -4.25
N VAL B 160 7.35 1.96 -5.32
CA VAL B 160 7.24 3.41 -5.18
C VAL B 160 5.85 3.79 -4.70
N LEU B 161 4.82 3.08 -5.18
CA LEU B 161 3.46 3.36 -4.75
C LEU B 161 3.30 3.10 -3.25
N SER B 162 3.85 1.99 -2.75
CA SER B 162 3.76 1.69 -1.33
C SER B 162 4.57 2.69 -0.52
N ARG B 163 5.74 3.09 -1.01
CA ARG B 163 6.55 4.07 -0.30
C ARG B 163 5.86 5.43 -0.26
N VAL B 164 5.04 5.74 -1.26
CA VAL B 164 4.40 7.04 -1.35
C VAL B 164 3.10 7.08 -0.54
N THR B 165 2.26 6.06 -0.66
CA THR B 165 0.96 6.06 0.00
C THR B 165 0.96 5.22 1.29
N ASN B 166 1.33 3.94 1.18
CA ASN B 166 1.20 3.03 2.33
C ASN B 166 2.08 3.49 3.49
N ASP B 167 3.30 3.92 3.21
CA ASP B 167 4.19 4.36 4.28
C ASP B 167 3.65 5.62 4.96
N VAL B 168 3.09 6.54 4.18
CA VAL B 168 2.54 7.76 4.78
C VAL B 168 1.32 7.43 5.64
N ASP B 169 0.46 6.53 5.18
CA ASP B 169 -0.67 6.10 6.00
C ASP B 169 -0.21 5.42 7.28
N ASN B 170 0.84 4.60 7.19
CA ASN B 170 1.40 3.97 8.39
C ASN B 170 1.93 5.02 9.36
N ILE B 171 2.61 6.04 8.83
CA ILE B 171 3.11 7.12 9.69
C ILE B 171 1.95 7.82 10.37
N GLN B 172 0.88 8.11 9.61
CA GLN B 172 -0.28 8.79 10.18
C GLN B 172 -0.90 7.96 11.31
N ASN B 173 -1.09 6.67 11.06
CA ASN B 173 -1.63 5.80 12.09
C ASN B 173 -0.74 5.81 13.32
N SER B 174 0.57 5.67 13.12
CA SER B 174 1.49 5.61 14.25
C SER B 174 1.46 6.89 15.08
N VAL B 175 1.48 8.05 14.42
CA VAL B 175 1.55 9.30 15.19
C VAL B 175 0.25 9.54 15.93
N SER B 176 -0.89 9.45 15.21
CA SER B 176 -2.18 9.71 15.85
C SER B 176 -2.53 8.62 16.86
N MET B 177 -1.79 7.52 16.86
CA MET B 177 -2.00 6.42 17.78
C MET B 177 -1.08 6.45 18.99
N THR B 178 0.09 7.08 18.89
CA THR B 178 1.09 6.98 19.94
C THR B 178 1.62 8.30 20.50
N ILE B 179 1.36 9.45 19.85
CA ILE B 179 2.01 10.68 20.33
C ILE B 179 1.46 11.08 21.70
N SER B 180 0.14 11.00 21.90
CA SER B 180 -0.44 11.33 23.18
C SER B 180 0.05 10.39 24.28
N GLN B 181 0.14 9.10 23.96
CA GLN B 181 0.65 8.13 24.93
C GLN B 181 2.09 8.45 25.31
N LEU B 182 2.93 8.78 24.33
CA LEU B 182 4.32 9.12 24.62
C LEU B 182 4.41 10.34 25.53
N LEU B 183 3.68 11.40 25.20
CA LEU B 183 3.76 12.62 25.99
C LEU B 183 3.25 12.39 27.42
N THR B 184 2.08 11.74 27.53
CA THR B 184 1.53 11.49 28.85
C THR B 184 2.45 10.62 29.69
N SER B 185 3.03 9.58 29.08
CA SER B 185 3.94 8.69 29.81
C SER B 185 5.17 9.45 30.29
N VAL B 186 5.78 10.23 29.40
CA VAL B 186 7.03 10.88 29.76
C VAL B 186 6.80 11.95 30.84
N LEU B 187 5.66 12.62 30.84
CA LEU B 187 5.39 13.57 31.91
C LEU B 187 5.00 12.86 33.21
N THR B 188 4.16 11.83 33.12
CA THR B 188 3.65 11.15 34.31
C THR B 188 4.77 10.45 35.06
N VAL B 189 5.73 9.86 34.35
CA VAL B 189 6.83 9.17 35.02
C VAL B 189 7.56 10.12 35.95
N PHE B 190 7.91 11.31 35.44
CA PHE B 190 8.66 12.25 36.26
C PHE B 190 7.81 12.84 37.39
N ALA B 191 6.55 13.14 37.12
CA ALA B 191 5.70 13.68 38.18
C ALA B 191 5.53 12.67 39.32
N VAL B 192 5.27 11.41 38.97
CA VAL B 192 5.11 10.37 39.97
C VAL B 192 6.41 10.15 40.73
N LEU B 193 7.55 10.19 40.02
CA LEU B 193 8.83 10.03 40.69
C LEU B 193 9.05 11.15 41.70
N VAL B 194 8.70 12.39 41.33
CA VAL B 194 8.88 13.51 42.25
C VAL B 194 8.02 13.32 43.50
N MET B 195 6.76 12.92 43.32
CA MET B 195 5.90 12.80 44.48
C MET B 195 6.27 11.60 45.35
N MET B 196 6.76 10.51 44.74
CA MET B 196 7.26 9.40 45.52
C MET B 196 8.51 9.77 46.31
N LEU B 197 9.41 10.57 45.70
CA LEU B 197 10.54 11.10 46.44
C LEU B 197 10.06 11.95 47.61
N THR B 198 8.98 12.68 47.42
CA THR B 198 8.38 13.43 48.52
C THR B 198 7.90 12.50 49.63
N ILE B 199 7.29 11.37 49.26
CA ILE B 199 6.70 10.50 50.27
C ILE B 199 7.79 9.79 51.09
N SER B 200 8.62 8.98 50.43
CA SER B 200 9.62 8.20 51.15
C SER B 200 10.78 7.82 50.24
N PRO B 201 12.02 8.20 50.61
CA PRO B 201 13.16 7.91 49.72
C PRO B 201 13.43 6.43 49.50
N LEU B 202 13.25 5.59 50.52
CA LEU B 202 13.60 4.18 50.39
C LEU B 202 12.70 3.49 49.37
N LEU B 203 11.38 3.66 49.50
CA LEU B 203 10.46 3.00 48.59
C LEU B 203 10.56 3.57 47.18
N THR B 204 10.81 4.88 47.04
CA THR B 204 10.96 5.43 45.70
C THR B 204 12.26 4.96 45.05
N LEU B 205 13.32 4.75 45.84
CA LEU B 205 14.52 4.12 45.30
C LEU B 205 14.23 2.70 44.83
N PHE B 206 13.48 1.95 45.64
CA PHE B 206 13.11 0.59 45.26
C PHE B 206 12.32 0.58 43.96
N THR B 207 11.41 1.54 43.80
CA THR B 207 10.63 1.64 42.58
C THR B 207 11.51 2.03 41.39
N VAL B 208 12.45 2.95 41.60
CA VAL B 208 13.28 3.45 40.50
C VAL B 208 14.35 2.48 40.08
N VAL B 209 14.62 1.44 40.87
CA VAL B 209 15.54 0.39 40.41
C VAL B 209 15.04 -0.25 39.12
N THR B 210 13.73 -0.20 38.87
CA THR B 210 13.17 -0.86 37.70
C THR B 210 13.67 -0.25 36.40
N VAL B 211 13.79 1.08 36.35
CA VAL B 211 14.11 1.74 35.08
C VAL B 211 15.42 1.24 34.48
N PRO B 212 16.53 1.11 35.23
CA PRO B 212 17.71 0.47 34.64
C PRO B 212 17.46 -0.96 34.17
N ALA B 213 16.80 -1.77 35.01
CA ALA B 213 16.55 -3.16 34.64
C ALA B 213 15.59 -3.26 33.45
N SER B 214 14.53 -2.43 33.46
CA SER B 214 13.59 -2.44 32.35
C SER B 214 14.28 -1.99 31.05
N LEU B 215 15.13 -0.97 31.13
CA LEU B 215 15.86 -0.53 29.95
C LEU B 215 16.81 -1.60 29.44
N TRP B 216 17.47 -2.31 30.36
CA TRP B 216 18.37 -3.39 29.95
C TRP B 216 17.61 -4.50 29.24
N VAL B 217 16.45 -4.90 29.79
CA VAL B 217 15.66 -5.95 29.18
C VAL B 217 15.14 -5.49 27.82
N THR B 218 14.68 -4.24 27.73
CA THR B 218 14.20 -3.72 26.45
C THR B 218 15.31 -3.67 25.41
N ARG B 219 16.52 -3.27 25.83
CA ARG B 219 17.65 -3.26 24.91
C ARG B 219 17.98 -4.66 24.40
N TRP B 220 17.97 -5.65 25.31
CA TRP B 220 18.22 -7.02 24.89
C TRP B 220 17.17 -7.50 23.89
N ILE B 221 15.89 -7.21 24.19
CA ILE B 221 14.81 -7.65 23.31
C ILE B 221 14.92 -6.97 21.95
N THR B 222 15.21 -5.67 21.93
CA THR B 222 15.35 -4.96 20.66
C THR B 222 16.53 -5.46 19.87
N ARG B 223 17.64 -5.77 20.54
CA ARG B 223 18.79 -6.35 19.85
C ARG B 223 18.43 -7.68 19.22
N ARG B 224 17.63 -8.50 19.92
CA ARG B 224 17.20 -9.77 19.35
C ARG B 224 16.14 -9.62 18.26
N SER B 225 15.40 -8.50 18.24
CA SER B 225 14.25 -8.39 17.36
C SER B 225 14.48 -7.54 16.12
N GLN B 226 15.46 -6.63 16.13
CA GLN B 226 15.69 -5.78 14.97
C GLN B 226 16.03 -6.56 13.70
N PRO B 227 16.92 -7.57 13.73
CA PRO B 227 17.09 -8.40 12.51
C PRO B 227 15.80 -9.06 12.06
N LEU B 228 14.95 -9.46 13.01
CA LEU B 228 13.67 -10.03 12.62
C LEU B 228 12.81 -9.01 11.89
N PHE B 229 12.80 -7.76 12.37
CA PHE B 229 12.03 -6.71 11.70
C PHE B 229 12.55 -6.45 10.29
N VAL B 230 13.87 -6.35 10.13
CA VAL B 230 14.40 -6.05 8.80
C VAL B 230 14.17 -7.22 7.86
N ALA B 231 14.28 -8.45 8.36
CA ALA B 231 13.99 -9.61 7.54
C ALA B 231 12.52 -9.64 7.14
N GLN B 232 11.63 -9.29 8.06
CA GLN B 232 10.20 -9.24 7.74
C GLN B 232 9.93 -8.22 6.65
N TRP B 233 10.54 -7.04 6.75
CA TRP B 233 10.33 -6.02 5.72
C TRP B 233 10.87 -6.47 4.37
N ARG B 234 12.08 -7.04 4.35
CA ARG B 234 12.64 -7.55 3.10
C ARG B 234 11.74 -8.61 2.48
N ASN B 235 11.21 -9.50 3.32
CA ASN B 235 10.42 -10.61 2.82
C ASN B 235 9.07 -10.14 2.30
N THR B 236 8.46 -9.18 3.00
CA THR B 236 7.22 -8.58 2.51
C THR B 236 7.44 -7.87 1.18
N GLY B 237 8.56 -7.16 1.05
CA GLY B 237 8.88 -6.53 -0.22
C GLY B 237 9.04 -7.53 -1.35
N ARG B 238 9.75 -8.64 -1.08
CA ARG B 238 9.91 -9.67 -2.11
C ARG B 238 8.57 -10.28 -2.50
N LEU B 239 7.71 -10.55 -1.50
CA LEU B 239 6.40 -11.12 -1.79
C LEU B 239 5.56 -10.17 -2.62
N ALA B 240 5.57 -8.88 -2.27
CA ALA B 240 4.81 -7.90 -3.03
C ALA B 240 5.33 -7.77 -4.45
N ALA B 241 6.65 -7.81 -4.62
CA ALA B 241 7.23 -7.74 -5.97
C ALA B 241 6.80 -8.93 -6.81
N HIS B 242 6.86 -10.13 -6.24
CA HIS B 242 6.43 -11.31 -6.98
C HIS B 242 4.95 -11.24 -7.33
N LEU B 243 4.12 -10.79 -6.39
CA LEU B 243 2.69 -10.66 -6.66
C LEU B 243 2.43 -9.65 -7.76
N GLU B 244 3.11 -8.51 -7.74
CA GLU B 244 2.92 -7.51 -8.78
C GLU B 244 3.35 -8.04 -10.14
N GLU B 245 4.50 -8.73 -10.20
CA GLU B 245 4.97 -9.24 -11.48
C GLU B 245 4.07 -10.35 -12.00
N THR B 246 3.45 -11.12 -11.11
CA THR B 246 2.52 -12.16 -11.56
C THR B 246 1.20 -11.55 -12.04
N TYR B 247 0.68 -10.55 -11.32
CA TYR B 247 -0.61 -9.99 -11.66
C TYR B 247 -0.56 -9.11 -12.90
N SER B 248 0.48 -8.28 -13.03
CA SER B 248 0.58 -7.39 -14.18
C SER B 248 0.72 -8.17 -15.48
N GLY B 249 1.55 -9.22 -15.47
CA GLY B 249 1.75 -10.04 -16.65
C GLY B 249 1.04 -11.37 -16.55
N PHE B 250 -0.20 -11.35 -16.06
CA PHE B 250 -0.92 -12.60 -15.82
C PHE B 250 -1.15 -13.37 -17.11
N THR B 251 -1.41 -12.66 -18.22
CA THR B 251 -1.65 -13.34 -19.48
C THR B 251 -0.40 -14.09 -19.94
N ILE B 252 0.77 -13.47 -19.82
CA ILE B 252 2.01 -14.12 -20.24
C ILE B 252 2.34 -15.31 -19.33
N VAL B 253 2.17 -15.12 -18.02
CA VAL B 253 2.46 -16.20 -17.08
C VAL B 253 1.53 -17.38 -17.32
N LYS B 254 0.24 -17.12 -17.51
CA LYS B 254 -0.73 -18.18 -17.70
C LYS B 254 -0.53 -18.88 -19.04
N THR B 255 -0.33 -18.12 -20.11
CA THR B 255 -0.24 -18.71 -21.44
C THR B 255 1.02 -19.55 -21.60
N PHE B 256 2.15 -19.06 -21.08
CA PHE B 256 3.42 -19.75 -21.25
C PHE B 256 3.64 -20.87 -20.22
N GLY B 257 2.59 -21.28 -19.52
CA GLY B 257 2.68 -22.43 -18.65
C GLY B 257 3.51 -22.24 -17.41
N HIS B 258 3.68 -21.00 -16.95
CA HIS B 258 4.47 -20.70 -15.76
C HIS B 258 3.60 -20.40 -14.54
N ARG B 259 2.37 -20.88 -14.53
CA ARG B 259 1.50 -20.66 -13.38
C ARG B 259 1.96 -21.46 -12.17
N GLU B 260 2.39 -22.71 -12.40
CA GLU B 260 2.83 -23.55 -11.28
C GLU B 260 4.11 -23.03 -10.65
N ALA B 261 5.05 -22.56 -11.47
CA ALA B 261 6.28 -21.99 -10.93
C ALA B 261 5.98 -20.74 -10.11
N ALA B 262 5.08 -19.89 -10.60
CA ALA B 262 4.69 -18.70 -9.85
C ALA B 262 4.02 -19.08 -8.54
N ALA B 263 3.16 -20.10 -8.56
CA ALA B 263 2.51 -20.56 -7.34
C ALA B 263 3.53 -21.09 -6.33
N GLY B 264 4.52 -21.86 -6.80
CA GLY B 264 5.54 -22.37 -5.90
C GLY B 264 6.39 -21.27 -5.31
N LYS B 265 6.79 -20.29 -6.14
CA LYS B 265 7.56 -19.17 -5.63
C LYS B 265 6.77 -18.36 -4.61
N PHE B 266 5.48 -18.14 -4.89
CA PHE B 266 4.62 -17.44 -3.92
C PHE B 266 4.51 -18.22 -2.62
N ALA B 267 4.37 -19.55 -2.70
CA ALA B 267 4.26 -20.34 -1.49
C ALA B 267 5.53 -20.25 -0.66
N GLU B 268 6.69 -20.32 -1.31
CA GLU B 268 7.95 -20.18 -0.59
C GLU B 268 8.06 -18.82 0.07
N LEU B 269 7.75 -17.75 -0.68
CA LEU B 269 7.82 -16.41 -0.11
C LEU B 269 6.82 -16.22 1.01
N ASN B 270 5.63 -16.79 0.89
CA ASN B 270 4.61 -16.67 1.92
C ASN B 270 5.04 -17.38 3.20
N SER B 271 5.59 -18.60 3.09
CA SER B 271 6.07 -19.29 4.27
C SER B 271 7.22 -18.52 4.92
N GLU B 272 8.15 -18.02 4.11
CA GLU B 272 9.29 -17.28 4.66
C GLU B 272 8.82 -16.02 5.38
N THR B 273 7.93 -15.25 4.75
CA THR B 273 7.43 -14.04 5.38
C THR B 273 6.61 -14.36 6.63
N GLN B 274 5.90 -15.49 6.63
CA GLN B 274 5.19 -15.90 7.83
C GLN B 274 6.16 -16.14 8.98
N GLN B 275 7.25 -16.86 8.70
CA GLN B 275 8.25 -17.11 9.74
C GLN B 275 8.87 -15.82 10.26
N SER B 276 9.27 -14.93 9.34
CA SER B 276 9.88 -13.67 9.74
C SER B 276 8.92 -12.82 10.56
N SER B 277 7.66 -12.72 10.11
CA SER B 277 6.67 -11.93 10.83
C SER B 277 6.38 -12.53 12.20
N PHE B 278 6.31 -13.86 12.31
CA PHE B 278 6.10 -14.49 13.60
C PHE B 278 7.24 -14.17 14.56
N GLY B 279 8.48 -14.31 14.09
CA GLY B 279 9.61 -14.00 14.96
C GLY B 279 9.60 -12.55 15.41
N ALA B 280 9.41 -11.63 14.46
CA ALA B 280 9.41 -10.21 14.79
C ALA B 280 8.27 -9.86 15.73
N GLN B 281 7.08 -10.40 15.49
CA GLN B 281 5.92 -10.05 16.30
C GLN B 281 6.05 -10.62 17.71
N PHE B 282 6.55 -11.85 17.84
CA PHE B 282 6.77 -12.42 19.15
C PHE B 282 7.79 -11.63 19.95
N PHE B 283 8.92 -11.31 19.33
CA PHE B 283 9.96 -10.59 20.06
C PHE B 283 9.56 -9.14 20.34
N SER B 284 8.69 -8.56 19.51
CA SER B 284 8.20 -7.21 19.78
C SER B 284 7.14 -7.20 20.86
N GLY B 285 6.31 -8.24 20.94
CA GLY B 285 5.32 -8.32 22.00
C GLY B 285 5.88 -8.78 23.32
N LEU B 286 7.08 -9.36 23.32
CA LEU B 286 7.70 -9.79 24.58
C LEU B 286 8.11 -8.62 25.47
N VAL B 287 8.10 -7.38 24.97
CA VAL B 287 8.58 -6.25 25.77
C VAL B 287 7.63 -5.98 26.93
N SER B 288 6.32 -5.96 26.66
CA SER B 288 5.36 -5.58 27.68
C SER B 288 5.32 -6.55 28.86
N PRO B 289 5.27 -7.88 28.67
CA PRO B 289 5.29 -8.76 29.85
C PRO B 289 6.53 -8.59 30.72
N ALA B 290 7.70 -8.37 30.12
CA ALA B 290 8.91 -8.22 30.91
C ALA B 290 8.86 -6.94 31.76
N THR B 291 8.45 -5.83 31.15
CA THR B 291 8.33 -4.58 31.88
C THR B 291 7.30 -4.71 33.00
N MET B 292 6.17 -5.37 32.71
CA MET B 292 5.17 -5.60 33.75
C MET B 292 5.72 -6.46 34.87
N PHE B 293 6.54 -7.45 34.53
CA PHE B 293 7.12 -8.33 35.55
C PHE B 293 8.07 -7.55 36.47
N ILE B 294 8.93 -6.71 35.89
CA ILE B 294 9.84 -5.93 36.73
C ILE B 294 9.06 -4.93 37.57
N GLY B 295 8.05 -4.29 36.98
CA GLY B 295 7.21 -3.39 37.75
C GLY B 295 6.50 -4.09 38.89
N ASN B 296 6.04 -5.33 38.67
CA ASN B 296 5.40 -6.09 39.73
C ASN B 296 6.38 -6.51 40.80
N LEU B 297 7.61 -6.84 40.43
CA LEU B 297 8.63 -7.12 41.44
C LEU B 297 8.86 -5.90 42.32
N SER B 298 8.97 -4.72 41.71
CA SER B 298 9.11 -3.49 42.48
C SER B 298 7.89 -3.25 43.35
N TYR B 299 6.70 -3.55 42.83
CA TYR B 299 5.47 -3.38 43.60
C TYR B 299 5.46 -4.27 44.82
N VAL B 300 5.88 -5.53 44.66
CA VAL B 300 5.92 -6.46 45.78
C VAL B 300 6.91 -5.97 46.84
N ALA B 301 8.11 -5.57 46.39
CA ALA B 301 9.11 -5.09 47.34
C ALA B 301 8.62 -3.84 48.08
N VAL B 302 8.01 -2.91 47.34
CA VAL B 302 7.52 -1.68 47.95
C VAL B 302 6.42 -1.98 48.95
N ALA B 303 5.49 -2.88 48.59
CA ALA B 303 4.40 -3.21 49.49
C ALA B 303 4.91 -3.85 50.77
N VAL B 304 5.85 -4.79 50.65
CA VAL B 304 6.36 -5.48 51.83
C VAL B 304 7.12 -4.51 52.73
N VAL B 305 8.03 -3.73 52.15
CA VAL B 305 8.83 -2.80 52.96
C VAL B 305 7.94 -1.73 53.58
N GLY B 306 6.95 -1.24 52.82
CA GLY B 306 6.05 -0.24 53.36
C GLY B 306 5.18 -0.76 54.49
N GLY B 307 4.72 -2.01 54.36
CA GLY B 307 4.02 -2.62 55.47
C GLY B 307 4.90 -2.76 56.71
N LEU B 308 6.16 -3.14 56.50
CA LEU B 308 7.09 -3.24 57.62
C LEU B 308 7.28 -1.88 58.29
N GLN B 309 7.44 -0.82 57.50
CA GLN B 309 7.60 0.51 58.06
C GLN B 309 6.34 1.00 58.76
N VAL B 310 5.17 0.70 58.18
CA VAL B 310 3.91 1.15 58.78
C VAL B 310 3.69 0.47 60.12
N ALA B 311 3.99 -0.83 60.19
CA ALA B 311 3.90 -1.54 61.47
C ALA B 311 4.87 -0.94 62.48
N THR B 312 6.09 -0.60 62.05
CA THR B 312 7.04 0.05 62.94
C THR B 312 6.62 1.47 63.29
N GLY B 313 5.85 2.11 62.41
CA GLY B 313 5.35 3.46 62.64
C GLY B 313 6.09 4.55 61.93
N GLN B 314 7.05 4.24 61.06
CA GLN B 314 7.80 5.27 60.36
C GLN B 314 6.99 5.92 59.24
N ILE B 315 5.95 5.25 58.75
CA ILE B 315 5.13 5.76 57.65
C ILE B 315 3.66 5.52 58.00
N THR B 316 2.81 6.50 57.71
CA THR B 316 1.39 6.37 57.95
C THR B 316 0.73 5.55 56.84
N LEU B 317 -0.44 4.98 57.16
CA LEU B 317 -1.13 4.12 56.22
C LEU B 317 -1.59 4.87 54.98
N GLY B 318 -2.07 6.11 55.15
CA GLY B 318 -2.48 6.89 54.00
C GLY B 318 -1.32 7.17 53.05
N SER B 319 -0.14 7.44 53.61
CA SER B 319 1.04 7.64 52.77
C SER B 319 1.36 6.38 51.98
N ILE B 320 1.21 5.21 52.60
CA ILE B 320 1.53 3.97 51.88
C ILE B 320 0.47 3.68 50.82
N GLN B 321 -0.79 4.04 51.06
CA GLN B 321 -1.80 3.91 50.01
C GLN B 321 -1.49 4.83 48.83
N ALA B 322 -1.10 6.06 49.12
CA ALA B 322 -0.70 6.98 48.06
C ALA B 322 0.51 6.44 47.30
N PHE B 323 1.45 5.81 48.02
CA PHE B 323 2.63 5.28 47.36
C PHE B 323 2.30 4.07 46.49
N ILE B 324 1.35 3.23 46.92
CA ILE B 324 0.92 2.11 46.09
C ILE B 324 0.26 2.62 44.82
N GLN B 325 -0.61 3.63 44.96
CA GLN B 325 -1.20 4.26 43.78
C GLN B 325 -0.12 4.81 42.86
N TYR B 326 0.90 5.45 43.44
CA TYR B 326 1.99 6.01 42.64
C TYR B 326 2.80 4.93 41.95
N VAL B 327 3.03 3.80 42.63
CA VAL B 327 3.75 2.70 41.99
C VAL B 327 2.99 2.18 40.79
N ARG B 328 1.66 2.02 40.94
CA ARG B 328 0.86 1.57 39.80
C ARG B 328 0.88 2.60 38.66
N GLN B 329 0.72 3.88 38.99
CA GLN B 329 0.71 4.94 37.98
C GLN B 329 2.09 5.21 37.40
N PHE B 330 3.15 4.68 38.01
CA PHE B 330 4.50 4.75 37.46
C PHE B 330 4.80 3.55 36.57
N ASN B 331 4.29 2.38 36.95
CA ASN B 331 4.50 1.18 36.13
C ASN B 331 3.64 1.18 34.89
N GLN B 332 2.47 1.81 34.93
CA GLN B 332 1.59 1.81 33.76
C GLN B 332 2.18 2.47 32.53
N PRO B 333 2.79 3.66 32.61
CA PRO B 333 3.35 4.28 31.38
C PRO B 333 4.40 3.43 30.70
N LEU B 334 5.28 2.78 31.46
CA LEU B 334 6.30 1.92 30.86
C LEU B 334 5.65 0.74 30.14
N THR B 335 4.61 0.15 30.75
CA THR B 335 3.91 -0.95 30.11
C THR B 335 3.24 -0.49 28.82
N GLN B 336 2.64 0.70 28.82
CA GLN B 336 2.01 1.22 27.61
C GLN B 336 3.03 1.45 26.51
N VAL B 337 4.18 2.03 26.86
CA VAL B 337 5.24 2.26 25.88
C VAL B 337 5.74 0.94 25.32
N ALA B 338 5.93 -0.05 26.18
CA ALA B 338 6.37 -1.37 25.71
C ALA B 338 5.33 -2.00 24.78
N GLY B 339 4.05 -1.85 25.11
CA GLY B 339 3.02 -2.42 24.27
C GLY B 339 2.93 -1.77 22.91
N MET B 340 3.10 -0.46 22.85
CA MET B 340 3.02 0.29 21.60
C MET B 340 4.37 0.41 20.88
N TYR B 341 5.41 -0.21 21.43
CA TYR B 341 6.72 -0.24 20.76
C TYR B 341 6.63 -0.81 19.34
N ASN B 342 5.75 -1.78 19.12
CA ASN B 342 5.63 -2.37 17.77
C ASN B 342 5.14 -1.34 16.76
N THR B 343 4.07 -0.62 17.11
CA THR B 343 3.55 0.43 16.23
C THR B 343 4.59 1.53 16.07
N LEU B 344 5.31 1.85 17.15
CA LEU B 344 6.34 2.88 17.06
C LEU B 344 7.44 2.49 16.08
N GLN B 345 7.88 1.22 16.13
CA GLN B 345 8.90 0.75 15.21
C GLN B 345 8.40 0.75 13.77
N SER B 346 7.16 0.32 13.56
CA SER B 346 6.59 0.34 12.21
C SER B 346 6.54 1.76 11.66
N GLY B 347 6.09 2.70 12.49
CA GLY B 347 6.05 4.09 12.04
C GLY B 347 7.42 4.66 11.76
N ILE B 348 8.42 4.29 12.58
CA ILE B 348 9.78 4.76 12.35
C ILE B 348 10.32 4.21 11.03
N ALA B 349 10.06 2.94 10.75
CA ALA B 349 10.51 2.38 9.48
C ALA B 349 9.83 3.07 8.29
N SER B 350 8.53 3.33 8.41
CA SER B 350 7.82 4.02 7.34
C SER B 350 8.37 5.43 7.14
N ALA B 351 8.66 6.13 8.24
CA ALA B 351 9.26 7.46 8.13
C ALA B 351 10.64 7.40 7.50
N GLU B 352 11.42 6.36 7.83
CA GLU B 352 12.72 6.17 7.21
C GLU B 352 12.59 6.04 5.69
N ARG B 353 11.64 5.21 5.25
CA ARG B 353 11.44 5.03 3.81
C ARG B 353 10.99 6.32 3.14
N VAL B 354 10.06 7.04 3.78
CA VAL B 354 9.57 8.29 3.20
C VAL B 354 10.68 9.33 3.10
N PHE B 355 11.51 9.44 4.14
CA PHE B 355 12.63 10.37 4.09
C PHE B 355 13.67 9.95 3.06
N ASP B 356 13.87 8.64 2.88
CA ASP B 356 14.76 8.17 1.83
C ASP B 356 14.26 8.60 0.46
N LEU B 357 12.95 8.47 0.22
CA LEU B 357 12.40 8.94 -1.05
C LEU B 357 12.52 10.45 -1.18
N LEU B 358 12.26 11.18 -0.09
CA LEU B 358 12.25 12.64 -0.13
C LEU B 358 13.64 13.23 -0.29
N ASP B 359 14.69 12.48 0.07
CA ASP B 359 16.06 12.96 -0.04
C ASP B 359 16.69 12.65 -1.39
N THR B 360 15.95 12.03 -2.30
CA THR B 360 16.50 11.68 -3.60
C THR B 360 16.81 12.94 -4.42
N GLU B 361 17.78 12.81 -5.32
CA GLU B 361 18.16 13.92 -6.19
C GLU B 361 17.04 14.20 -7.19
N GLU B 362 16.79 15.49 -7.42
CA GLU B 362 15.76 15.93 -8.35
C GLU B 362 16.35 16.17 -9.73
N GLU B 363 15.49 16.59 -10.66
CA GLU B 363 15.89 16.78 -12.05
C GLU B 363 16.97 17.85 -12.19
N SER B 364 16.61 19.10 -11.93
CA SER B 364 17.49 20.25 -12.07
C SER B 364 16.70 21.47 -11.63
N ALA B 365 17.41 22.60 -11.54
CA ALA B 365 16.77 23.87 -11.21
C ALA B 365 15.93 24.31 -12.40
N ASP B 366 14.61 24.21 -12.28
CA ASP B 366 13.71 24.57 -13.37
C ASP B 366 13.77 26.08 -13.61
N SER B 367 13.91 26.46 -14.87
CA SER B 367 13.97 27.87 -15.22
C SER B 367 12.60 28.51 -15.07
N PRO B 368 12.52 29.74 -14.53
CA PRO B 368 11.23 30.41 -14.40
C PRO B 368 10.73 31.04 -15.69
N ARG B 369 11.55 31.09 -16.73
CA ARG B 369 11.13 31.70 -17.99
C ARG B 369 10.03 30.88 -18.65
N ARG B 370 9.04 31.56 -19.19
CA ARG B 370 7.92 30.92 -19.87
C ARG B 370 8.25 30.74 -21.34
N ALA B 371 8.15 29.51 -21.82
CA ALA B 371 8.45 29.22 -23.22
C ALA B 371 7.42 29.88 -24.12
N ASP B 372 7.89 30.37 -25.27
CA ASP B 372 7.02 31.06 -26.22
C ASP B 372 7.57 30.79 -27.62
N VAL B 373 6.90 29.92 -28.36
CA VAL B 373 7.28 29.64 -29.74
C VAL B 373 6.64 30.67 -30.65
N ARG B 374 7.44 31.28 -31.51
CA ARG B 374 6.95 32.33 -32.40
C ARG B 374 6.62 31.79 -33.79
N THR B 375 7.54 31.06 -34.40
CA THR B 375 7.35 30.49 -35.73
C THR B 375 7.26 28.97 -35.71
N GLY B 376 8.09 28.29 -34.92
CA GLY B 376 8.02 26.84 -34.83
C GLY B 376 9.24 26.13 -35.34
N ARG B 377 10.28 26.87 -35.72
CA ARG B 377 11.50 26.26 -36.23
C ARG B 377 12.24 25.55 -35.12
N VAL B 378 12.69 24.32 -35.39
CA VAL B 378 13.41 23.50 -34.44
C VAL B 378 14.80 23.21 -34.99
N GLU B 379 15.81 23.28 -34.12
CA GLU B 379 17.19 23.07 -34.53
C GLU B 379 17.91 22.22 -33.50
N PHE B 380 18.77 21.32 -33.99
CA PHE B 380 19.65 20.51 -33.17
C PHE B 380 21.09 20.86 -33.54
N GLU B 381 21.94 21.03 -32.53
CA GLU B 381 23.33 21.43 -32.75
C GLU B 381 24.25 20.50 -31.97
N HIS B 382 24.80 19.50 -32.65
CA HIS B 382 25.76 18.56 -32.06
C HIS B 382 25.23 17.93 -30.78
N VAL B 383 23.96 17.53 -30.82
CA VAL B 383 23.31 16.99 -29.64
C VAL B 383 23.83 15.57 -29.39
N SER B 384 24.41 15.37 -28.21
CA SER B 384 24.90 14.07 -27.78
C SER B 384 24.20 13.70 -26.48
N PHE B 385 23.69 12.48 -26.41
CA PHE B 385 22.96 12.02 -25.24
C PHE B 385 23.25 10.53 -25.01
N SER B 386 23.12 10.10 -23.76
CA SER B 386 23.36 8.70 -23.41
C SER B 386 22.69 8.39 -22.09
N TYR B 387 21.75 7.46 -22.09
CA TYR B 387 21.31 6.86 -20.85
C TYR B 387 22.44 6.02 -20.26
N VAL B 388 22.40 5.82 -18.94
CA VAL B 388 23.38 5.05 -18.18
C VAL B 388 24.79 5.35 -18.69
N PRO B 389 25.34 6.52 -18.33
CA PRO B 389 26.49 7.06 -19.08
C PRO B 389 27.63 6.06 -19.23
N GLY B 390 28.19 6.02 -20.43
CA GLY B 390 29.14 5.00 -20.84
C GLY B 390 28.78 4.31 -22.13
N THR B 391 27.52 4.39 -22.55
CA THR B 391 27.06 3.82 -23.82
C THR B 391 26.21 4.85 -24.56
N PRO B 392 26.79 5.57 -25.52
CA PRO B 392 26.01 6.60 -26.24
C PRO B 392 24.87 5.99 -27.02
N VAL B 393 23.76 6.73 -27.07
CA VAL B 393 22.60 6.32 -27.86
C VAL B 393 22.39 7.35 -28.98
N ILE B 394 22.84 8.57 -28.73
CA ILE B 394 22.80 9.65 -29.73
C ILE B 394 24.08 10.46 -29.58
N GLU B 395 24.83 10.59 -30.67
CA GLU B 395 26.06 11.36 -30.63
C GLU B 395 26.27 12.07 -31.96
N ASP B 396 26.72 13.32 -31.89
CA ASP B 396 27.00 14.16 -33.06
C ASP B 396 25.79 14.20 -34.00
N LEU B 397 24.69 14.72 -33.47
CA LEU B 397 23.45 14.86 -34.23
C LEU B 397 23.14 16.34 -34.43
N SER B 398 22.83 16.69 -35.68
CA SER B 398 22.48 18.07 -36.01
C SER B 398 21.40 18.05 -37.08
N LEU B 399 20.34 18.82 -36.87
CA LEU B 399 19.23 18.88 -37.81
C LEU B 399 18.55 20.23 -37.70
N VAL B 400 17.94 20.66 -38.79
CA VAL B 400 17.19 21.91 -38.83
C VAL B 400 15.79 21.61 -39.37
N ALA B 401 14.79 22.26 -38.76
CA ALA B 401 13.39 22.08 -39.17
C ALA B 401 12.79 23.45 -39.43
N GLU B 402 12.29 23.65 -40.64
CA GLU B 402 11.64 24.90 -40.96
C GLU B 402 10.30 25.02 -40.23
N PRO B 403 9.83 26.24 -39.96
CA PRO B 403 8.61 26.39 -39.15
C PRO B 403 7.40 25.70 -39.71
N GLY B 404 7.27 25.64 -41.05
CA GLY B 404 6.14 24.95 -41.64
C GLY B 404 6.48 23.56 -42.13
N SER B 405 7.75 23.19 -42.02
CA SER B 405 8.20 21.91 -42.54
C SER B 405 7.71 20.75 -41.68
N THR B 406 7.41 19.63 -42.33
CA THR B 406 7.07 18.39 -41.65
C THR B 406 8.29 17.47 -41.71
N VAL B 407 8.89 17.21 -40.55
CA VAL B 407 10.10 16.40 -40.47
C VAL B 407 9.72 14.97 -40.11
N ALA B 408 10.07 14.02 -40.97
CA ALA B 408 9.77 12.62 -40.77
C ALA B 408 11.06 11.88 -40.42
N ILE B 409 10.99 11.08 -39.35
CA ILE B 409 12.15 10.34 -38.85
C ILE B 409 11.91 8.85 -39.10
N VAL B 410 12.80 8.22 -39.85
CA VAL B 410 12.75 6.80 -40.12
C VAL B 410 14.13 6.21 -39.90
N GLY B 411 14.17 4.92 -39.61
CA GLY B 411 15.43 4.24 -39.41
C GLY B 411 15.28 2.87 -38.78
N PRO B 412 16.41 2.24 -38.45
CA PRO B 412 16.36 0.91 -37.81
C PRO B 412 15.64 0.90 -36.47
N THR B 413 15.49 -0.29 -35.90
CA THR B 413 14.64 -0.48 -34.72
C THR B 413 15.24 0.16 -33.48
N GLY B 414 16.56 0.32 -33.43
CA GLY B 414 17.18 0.91 -32.26
C GLY B 414 17.96 2.18 -32.59
N ALA B 415 17.45 2.95 -33.54
CA ALA B 415 18.19 4.12 -34.02
C ALA B 415 18.30 5.19 -32.94
N GLY B 416 17.18 5.56 -32.32
CA GLY B 416 17.19 6.66 -31.38
C GLY B 416 16.14 7.71 -31.66
N LYS B 417 15.10 7.33 -32.42
CA LYS B 417 14.06 8.28 -32.79
C LYS B 417 13.27 8.74 -31.57
N THR B 418 12.80 7.79 -30.76
CA THR B 418 12.09 8.15 -29.53
C THR B 418 13.00 8.92 -28.58
N THR B 419 14.29 8.56 -28.52
CA THR B 419 15.23 9.33 -27.72
C THR B 419 15.34 10.76 -28.23
N LEU B 420 15.33 10.93 -29.55
CA LEU B 420 15.41 12.27 -30.13
C LEU B 420 14.20 13.11 -29.74
N VAL B 421 12.99 12.57 -29.93
CA VAL B 421 11.81 13.36 -29.61
C VAL B 421 11.63 13.52 -28.11
N ASN B 422 12.24 12.65 -27.29
CA ASN B 422 12.23 12.88 -25.86
C ASN B 422 13.19 13.98 -25.46
N LEU B 423 14.35 14.06 -26.14
CA LEU B 423 15.24 15.19 -25.92
C LEU B 423 14.59 16.50 -26.34
N LEU B 424 13.74 16.46 -27.38
CA LEU B 424 13.03 17.66 -27.78
C LEU B 424 12.08 18.14 -26.67
N MET B 425 11.43 17.20 -25.98
CA MET B 425 10.51 17.52 -24.91
C MET B 425 11.20 17.71 -23.56
N ARG B 426 12.53 17.62 -23.52
CA ARG B 426 13.30 17.77 -22.29
C ARG B 426 12.91 16.75 -21.24
N PHE B 427 12.57 15.54 -21.68
CA PHE B 427 12.37 14.44 -20.74
C PHE B 427 13.67 14.11 -20.04
N TYR B 428 14.78 14.14 -20.76
CA TYR B 428 16.11 13.85 -20.21
C TYR B 428 17.05 14.99 -20.54
N ASP B 429 18.03 15.21 -19.66
CA ASP B 429 19.01 16.26 -19.84
C ASP B 429 19.97 15.89 -20.96
N VAL B 430 20.23 16.83 -21.87
CA VAL B 430 21.14 16.59 -22.98
C VAL B 430 22.57 16.57 -22.47
N ASP B 431 23.31 15.51 -22.81
CA ASP B 431 24.67 15.37 -22.32
C ASP B 431 25.59 16.43 -22.90
N SER B 432 25.50 16.66 -24.22
CA SER B 432 26.33 17.66 -24.87
C SER B 432 25.58 18.22 -26.06
N GLY B 433 25.86 19.48 -26.38
CA GLY B 433 25.09 20.19 -27.38
C GLY B 433 23.84 20.81 -26.78
N ARG B 434 23.02 21.40 -27.65
CA ARG B 434 21.80 22.03 -27.19
C ARG B 434 20.76 22.00 -28.31
N ILE B 435 19.50 22.09 -27.90
CA ILE B 435 18.36 22.09 -28.81
C ILE B 435 17.70 23.45 -28.73
N THR B 436 17.50 24.09 -29.88
CA THR B 436 16.93 25.42 -29.95
C THR B 436 15.62 25.39 -30.73
N ILE B 437 14.59 25.98 -30.14
CA ILE B 437 13.31 26.19 -30.82
C ILE B 437 13.12 27.69 -31.00
N ASP B 438 13.10 28.13 -32.26
CA ASP B 438 12.98 29.56 -32.60
C ASP B 438 14.10 30.38 -31.96
N GLY B 439 15.29 29.80 -31.90
CA GLY B 439 16.47 30.51 -31.45
C GLY B 439 16.71 30.52 -29.96
N VAL B 440 15.82 29.96 -29.16
CA VAL B 440 15.99 29.91 -27.70
C VAL B 440 16.27 28.47 -27.29
N ASP B 441 17.23 28.31 -26.39
CA ASP B 441 17.56 26.98 -25.89
C ASP B 441 16.43 26.47 -25.02
N ILE B 442 15.98 25.24 -25.27
CA ILE B 442 14.91 24.66 -24.49
C ILE B 442 15.31 24.45 -23.03
N ALA B 443 16.62 24.34 -22.77
CA ALA B 443 17.11 24.20 -21.40
C ALA B 443 17.01 25.50 -20.61
N SER B 444 16.81 26.64 -21.29
CA SER B 444 16.72 27.94 -20.64
C SER B 444 15.28 28.36 -20.38
N VAL B 445 14.30 27.50 -20.71
CA VAL B 445 12.90 27.79 -20.49
C VAL B 445 12.33 26.72 -19.57
N SER B 446 11.18 27.03 -18.97
CA SER B 446 10.54 26.11 -18.05
C SER B 446 10.11 24.84 -18.78
N ARG B 447 10.26 23.70 -18.09
CA ARG B 447 9.79 22.44 -18.66
C ARG B 447 8.27 22.46 -18.84
N GLU B 448 7.56 23.08 -17.91
CA GLU B 448 6.10 23.12 -17.98
C GLU B 448 5.62 23.77 -19.27
N SER B 449 6.10 24.98 -19.56
CA SER B 449 5.64 25.70 -20.75
C SER B 449 6.13 25.03 -22.01
N LEU B 450 7.37 24.54 -22.01
CA LEU B 450 7.92 23.89 -23.20
C LEU B 450 7.14 22.63 -23.55
N ARG B 451 6.80 21.82 -22.55
CA ARG B 451 6.03 20.61 -22.81
C ARG B 451 4.56 20.91 -23.07
N ALA B 452 4.05 22.04 -22.59
CA ALA B 452 2.68 22.42 -22.93
C ALA B 452 2.59 22.93 -24.36
N SER B 453 3.66 23.55 -24.88
CA SER B 453 3.64 24.05 -26.25
C SER B 453 3.67 22.93 -27.28
N ILE B 454 4.13 21.75 -26.92
CA ILE B 454 4.28 20.62 -27.84
C ILE B 454 3.28 19.54 -27.46
N GLY B 455 2.48 19.12 -28.44
CA GLY B 455 1.55 18.03 -28.24
C GLY B 455 2.10 16.71 -28.76
N MET B 456 2.48 15.82 -27.86
CA MET B 456 3.21 14.60 -28.22
C MET B 456 2.31 13.40 -28.06
N VAL B 457 2.29 12.54 -29.08
CA VAL B 457 1.63 11.24 -29.02
C VAL B 457 2.69 10.22 -28.62
N LEU B 458 2.63 9.74 -27.38
CA LEU B 458 3.62 8.80 -26.88
C LEU B 458 3.54 7.49 -27.67
N GLN B 459 4.71 6.85 -27.83
CA GLN B 459 4.74 5.57 -28.51
C GLN B 459 3.93 4.52 -27.75
N ASP B 460 4.05 4.50 -26.44
CA ASP B 460 3.26 3.61 -25.60
C ASP B 460 2.00 4.35 -25.15
N THR B 461 0.85 3.92 -25.66
CA THR B 461 -0.41 4.57 -25.31
C THR B 461 -0.77 4.31 -23.85
N TRP B 462 -1.26 5.35 -23.18
CA TRP B 462 -1.63 5.27 -21.77
C TRP B 462 -2.93 6.00 -21.54
N LEU B 463 -3.87 5.34 -20.87
CA LEU B 463 -5.14 5.92 -20.49
C LEU B 463 -5.38 5.71 -19.01
N PHE B 464 -5.86 6.73 -18.32
CA PHE B 464 -6.19 6.62 -16.92
C PHE B 464 -7.64 6.18 -16.74
N ALA B 465 -7.91 5.55 -15.60
CA ALA B 465 -9.23 4.99 -15.32
C ALA B 465 -10.29 6.08 -15.31
N GLY B 466 -11.16 6.07 -16.31
CA GLY B 466 -12.20 7.08 -16.41
C GLY B 466 -12.95 6.92 -17.71
N THR B 467 -13.88 7.84 -17.94
CA THR B 467 -14.67 7.82 -19.15
C THR B 467 -13.81 8.22 -20.35
N ILE B 468 -14.27 7.81 -21.53
CA ILE B 468 -13.57 8.16 -22.77
C ILE B 468 -13.52 9.67 -22.96
N TYR B 469 -14.62 10.35 -22.61
CA TYR B 469 -14.64 11.81 -22.69
C TYR B 469 -13.60 12.41 -21.76
N ASP B 470 -13.46 11.85 -20.55
CA ASP B 470 -12.44 12.35 -19.63
C ASP B 470 -11.04 12.14 -20.19
N ASN B 471 -10.80 10.99 -20.81
CA ASN B 471 -9.47 10.72 -21.37
C ASN B 471 -9.16 11.67 -22.52
N ILE B 472 -10.15 11.98 -23.37
CA ILE B 472 -9.91 12.93 -24.45
C ILE B 472 -9.68 14.33 -23.88
N ALA B 473 -10.50 14.75 -22.91
CA ALA B 473 -10.38 16.06 -22.31
C ALA B 473 -9.15 16.20 -21.42
N TYR B 474 -8.45 15.10 -21.14
CA TYR B 474 -7.22 15.16 -20.36
C TYR B 474 -6.21 16.11 -20.97
N GLY B 475 -6.23 16.29 -22.29
CA GLY B 475 -5.33 17.24 -22.91
C GLY B 475 -5.61 18.67 -22.51
N ARG B 476 -6.88 19.06 -22.48
CA ARG B 476 -7.30 20.41 -22.10
C ARG B 476 -8.67 20.33 -21.45
N PRO B 477 -8.72 20.14 -20.13
CA PRO B 477 -10.03 19.99 -19.46
C PRO B 477 -10.93 21.20 -19.58
N ASP B 478 -10.36 22.41 -19.69
CA ASP B 478 -11.15 23.62 -19.79
C ASP B 478 -11.93 23.71 -21.10
N ALA B 479 -11.60 22.88 -22.08
CA ALA B 479 -12.33 22.91 -23.35
C ALA B 479 -13.78 22.50 -23.15
N ASP B 480 -14.66 23.15 -23.90
CA ASP B 480 -16.08 22.87 -23.81
C ASP B 480 -16.42 21.55 -24.50
N GLU B 481 -17.69 21.16 -24.42
CA GLU B 481 -18.10 19.88 -24.99
C GLU B 481 -17.93 19.85 -26.50
N ASP B 482 -18.21 20.97 -27.18
CA ASP B 482 -18.10 21.00 -28.63
C ASP B 482 -16.68 20.78 -29.09
N GLU B 483 -15.70 21.37 -28.39
CA GLU B 483 -14.30 21.19 -28.78
C GLU B 483 -13.85 19.74 -28.62
N VAL B 484 -14.26 19.09 -27.52
CA VAL B 484 -13.91 17.69 -27.32
C VAL B 484 -14.58 16.81 -28.38
N ILE B 485 -15.84 17.12 -28.71
CA ILE B 485 -16.53 16.35 -29.75
C ILE B 485 -15.83 16.52 -31.09
N GLU B 486 -15.40 17.74 -31.41
CA GLU B 486 -14.68 17.98 -32.66
C GLU B 486 -13.35 17.24 -32.68
N ALA B 487 -12.62 17.25 -31.56
CA ALA B 487 -11.36 16.53 -31.49
C ALA B 487 -11.56 15.03 -31.67
N ALA B 488 -12.61 14.47 -31.06
CA ALA B 488 -12.90 13.06 -31.23
C ALA B 488 -13.31 12.74 -32.66
N THR B 489 -14.10 13.62 -33.28
CA THR B 489 -14.53 13.40 -34.66
C THR B 489 -13.35 13.45 -35.62
N ALA B 490 -12.43 14.40 -35.42
CA ALA B 490 -11.27 14.51 -36.30
C ALA B 490 -10.38 13.27 -36.20
N ALA B 491 -10.16 12.77 -35.00
CA ALA B 491 -9.38 11.55 -34.79
C ALA B 491 -10.17 10.29 -35.05
N TYR B 492 -11.44 10.42 -35.44
CA TYR B 492 -12.32 9.28 -35.70
C TYR B 492 -12.50 8.41 -34.47
N VAL B 493 -12.39 9.01 -33.29
CA VAL B 493 -12.83 8.36 -32.06
C VAL B 493 -14.35 8.27 -32.04
N ASP B 494 -15.02 9.30 -32.55
CA ASP B 494 -16.48 9.32 -32.55
C ASP B 494 -17.07 8.19 -33.37
N ARG B 495 -16.37 7.75 -34.42
CA ARG B 495 -16.91 6.72 -35.30
C ARG B 495 -17.16 5.42 -34.53
N PHE B 496 -16.23 5.02 -33.67
CA PHE B 496 -16.44 3.83 -32.85
C PHE B 496 -17.10 4.15 -31.52
N VAL B 497 -17.10 5.41 -31.09
CA VAL B 497 -17.80 5.78 -29.86
C VAL B 497 -19.32 5.70 -30.07
N HIS B 498 -19.79 6.14 -31.23
CA HIS B 498 -21.23 6.05 -31.54
C HIS B 498 -21.70 4.60 -31.51
N THR B 499 -20.82 3.66 -31.85
CA THR B 499 -21.20 2.24 -31.81
C THR B 499 -21.50 1.79 -30.39
N LEU B 500 -20.69 2.22 -29.42
CA LEU B 500 -20.87 1.80 -28.04
C LEU B 500 -22.19 2.35 -27.48
N PRO B 501 -22.85 1.60 -26.60
CA PRO B 501 -24.12 2.07 -26.03
C PRO B 501 -23.97 3.17 -25.00
N ASN B 502 -22.75 3.46 -24.56
CA ASN B 502 -22.47 4.49 -23.56
C ASN B 502 -21.43 5.46 -24.08
N GLY B 503 -21.65 5.95 -25.31
CA GLY B 503 -20.69 6.80 -25.99
C GLY B 503 -20.19 7.97 -25.19
N TYR B 504 -18.87 8.11 -25.11
CA TYR B 504 -18.14 9.12 -24.36
C TYR B 504 -18.28 8.98 -22.85
N ASP B 505 -19.11 8.03 -22.38
CA ASP B 505 -19.24 7.78 -20.96
C ASP B 505 -18.78 6.39 -20.54
N THR B 506 -18.48 5.52 -21.50
CA THR B 506 -17.94 4.20 -21.17
C THR B 506 -16.58 4.35 -20.50
N ARG B 507 -16.39 3.62 -19.40
CA ARG B 507 -15.16 3.71 -18.64
C ARG B 507 -14.10 2.81 -19.26
N VAL B 508 -12.91 3.38 -19.50
CA VAL B 508 -11.81 2.65 -20.09
C VAL B 508 -10.62 2.72 -19.13
N ASP B 509 -9.71 1.76 -19.29
CA ASP B 509 -8.55 1.65 -18.42
C ASP B 509 -7.33 1.35 -19.28
N ASP B 510 -6.15 1.52 -18.66
CA ASP B 510 -4.91 1.28 -19.38
C ASP B 510 -4.77 -0.17 -19.80
N ASP B 511 -5.15 -1.10 -18.91
CA ASP B 511 -4.97 -2.52 -19.15
C ASP B 511 -6.19 -3.21 -19.75
N GLY B 512 -7.25 -2.46 -20.03
CA GLY B 512 -8.45 -3.09 -20.57
C GLY B 512 -9.55 -2.12 -20.95
N GLY B 513 -10.78 -2.47 -20.62
CA GLY B 513 -11.94 -1.67 -20.97
C GLY B 513 -12.65 -2.21 -22.20
N ALA B 514 -13.54 -1.38 -22.74
CA ALA B 514 -14.29 -1.70 -23.94
C ALA B 514 -13.58 -1.24 -25.20
N ILE B 515 -12.24 -1.24 -25.18
CA ILE B 515 -11.42 -0.59 -26.18
C ILE B 515 -10.41 -1.58 -26.74
N SER B 516 -9.89 -1.25 -27.91
CA SER B 516 -8.81 -2.01 -28.55
C SER B 516 -7.55 -1.16 -28.64
N ALA B 517 -6.46 -1.78 -29.09
CA ALA B 517 -5.21 -1.06 -29.20
C ALA B 517 -5.29 0.07 -30.21
N GLY B 518 -5.92 -0.18 -31.36
CA GLY B 518 -6.09 0.88 -32.34
C GLY B 518 -7.00 1.99 -31.82
N GLU B 519 -8.08 1.62 -31.15
CA GLU B 519 -8.97 2.63 -30.59
C GLU B 519 -8.32 3.38 -29.44
N LYS B 520 -7.47 2.70 -28.65
CA LYS B 520 -6.70 3.39 -27.62
C LYS B 520 -5.76 4.41 -28.24
N GLN B 521 -5.09 4.04 -29.33
CA GLN B 521 -4.22 4.98 -30.02
C GLN B 521 -5.02 6.13 -30.61
N LEU B 522 -6.23 5.85 -31.09
CA LEU B 522 -7.09 6.92 -31.60
C LEU B 522 -7.48 7.90 -30.49
N ILE B 523 -7.78 7.39 -29.30
CA ILE B 523 -8.10 8.27 -28.18
C ILE B 523 -6.88 9.10 -27.79
N THR B 524 -5.68 8.50 -27.84
CA THR B 524 -4.47 9.28 -27.58
C THR B 524 -4.29 10.37 -28.63
N ILE B 525 -4.58 10.06 -29.89
CA ILE B 525 -4.49 11.07 -30.95
C ILE B 525 -5.48 12.21 -30.69
N ALA B 526 -6.71 11.86 -30.32
CA ALA B 526 -7.70 12.89 -30.02
C ALA B 526 -7.27 13.74 -28.83
N ARG B 527 -6.72 13.12 -27.80
CA ARG B 527 -6.22 13.85 -26.64
C ARG B 527 -5.11 14.81 -27.03
N ALA B 528 -4.20 14.36 -27.90
CA ALA B 528 -3.11 15.22 -28.35
C ALA B 528 -3.63 16.39 -29.18
N VAL B 529 -4.60 16.13 -30.05
CA VAL B 529 -5.05 17.18 -30.97
C VAL B 529 -6.00 18.15 -30.28
N LEU B 530 -6.63 17.74 -29.18
CA LEU B 530 -7.54 18.64 -28.47
C LEU B 530 -6.79 19.84 -27.89
N ALA B 531 -5.59 19.61 -27.37
CA ALA B 531 -4.80 20.66 -26.73
C ALA B 531 -4.29 21.73 -27.68
N ARG B 532 -4.71 21.70 -28.96
CA ARG B 532 -4.28 22.60 -30.03
C ARG B 532 -2.81 22.97 -29.89
N PRO B 533 -1.90 22.00 -30.04
CA PRO B 533 -0.49 22.29 -29.83
C PRO B 533 0.09 23.18 -30.90
N LYS B 534 1.08 23.99 -30.51
CA LYS B 534 1.82 24.79 -31.46
C LYS B 534 2.95 24.00 -32.11
N LEU B 535 3.29 22.84 -31.56
CA LEU B 535 4.26 21.92 -32.14
C LEU B 535 3.68 20.51 -32.06
N LEU B 536 3.91 19.72 -33.11
CA LEU B 536 3.31 18.40 -33.22
C LEU B 536 4.41 17.34 -33.26
N VAL B 537 4.30 16.35 -32.38
CA VAL B 537 5.21 15.20 -32.35
C VAL B 537 4.36 13.95 -32.35
N LEU B 538 4.57 13.07 -33.32
CA LEU B 538 3.73 11.85 -33.46
C LEU B 538 4.63 10.61 -33.50
N ASP B 539 4.93 10.01 -32.36
CA ASP B 539 5.84 8.84 -32.29
C ASP B 539 5.09 7.56 -32.54
N GLN B 540 5.19 7.00 -33.73
CA GLN B 540 4.39 5.80 -34.08
C GLN B 540 3.01 6.07 -33.50
N ALA B 541 2.29 7.03 -34.07
CA ALA B 541 0.99 7.45 -33.52
C ALA B 541 -0.08 6.61 -34.16
N THR B 542 0.23 6.04 -35.30
CA THR B 542 -0.73 5.16 -35.97
C THR B 542 -0.07 3.82 -36.32
N SER B 543 0.74 3.29 -35.39
CA SER B 543 1.33 1.98 -35.61
C SER B 543 0.28 0.88 -35.53
N SER B 544 -0.72 1.04 -34.66
CA SER B 544 -1.77 0.05 -34.49
C SER B 544 -3.07 0.44 -35.19
N VAL B 545 -3.04 1.49 -36.02
CA VAL B 545 -4.22 1.97 -36.72
C VAL B 545 -4.09 1.60 -38.19
N ASP B 546 -5.16 1.06 -38.77
CA ASP B 546 -5.15 0.66 -40.17
C ASP B 546 -4.98 1.88 -41.07
N THR B 547 -4.43 1.64 -42.26
CA THR B 547 -4.14 2.73 -43.18
C THR B 547 -5.40 3.34 -43.77
N ARG B 548 -6.49 2.56 -43.87
CA ARG B 548 -7.74 3.12 -44.37
C ARG B 548 -8.27 4.21 -43.43
N THR B 549 -8.17 3.98 -42.12
CA THR B 549 -8.51 5.02 -41.16
C THR B 549 -7.42 6.08 -41.10
N GLU B 550 -6.18 5.70 -41.37
CA GLU B 550 -5.07 6.67 -41.37
C GLU B 550 -5.27 7.73 -42.43
N LEU B 551 -5.78 7.36 -43.61
CA LEU B 551 -6.04 8.34 -44.66
C LEU B 551 -7.06 9.37 -44.19
N LEU B 552 -8.16 8.92 -43.59
CA LEU B 552 -9.17 9.85 -43.11
C LEU B 552 -8.63 10.73 -42.00
N ILE B 553 -7.84 10.16 -41.08
CA ILE B 553 -7.25 10.95 -40.00
C ILE B 553 -6.29 11.98 -40.56
N ALA B 554 -5.48 11.61 -41.54
CA ALA B 554 -4.54 12.55 -42.13
C ALA B 554 -5.27 13.69 -42.84
N HIS B 555 -6.35 13.37 -43.55
CA HIS B 555 -7.11 14.43 -44.21
C HIS B 555 -7.73 15.35 -43.16
N ALA B 556 -8.21 14.77 -42.06
CA ALA B 556 -8.86 15.56 -41.03
C ALA B 556 -7.87 16.45 -40.28
N MET B 557 -6.64 15.98 -40.08
CA MET B 557 -5.63 16.76 -39.36
C MET B 557 -4.73 17.58 -40.28
N ALA B 558 -4.94 17.53 -41.60
CA ALA B 558 -4.14 18.32 -42.51
C ALA B 558 -4.20 19.82 -42.20
N GLU B 559 -5.29 20.29 -41.58
CA GLU B 559 -5.35 21.69 -41.17
C GLU B 559 -4.28 21.98 -40.12
N LEU B 560 -4.11 21.08 -39.16
CA LEU B 560 -3.09 21.27 -38.14
C LEU B 560 -1.68 21.02 -38.68
N ARG B 561 -1.52 19.99 -39.51
CA ARG B 561 -0.19 19.63 -40.01
C ARG B 561 0.40 20.69 -40.94
N ARG B 562 -0.39 21.67 -41.39
CA ARG B 562 0.12 22.66 -42.33
C ARG B 562 1.12 23.60 -41.68
N ASP B 563 0.80 24.11 -40.50
CA ASP B 563 1.56 25.19 -39.88
C ASP B 563 1.91 24.87 -38.44
N ARG B 564 2.39 23.66 -38.15
CA ARG B 564 2.73 23.31 -36.78
C ARG B 564 4.01 22.50 -36.65
N THR B 565 4.80 22.34 -37.71
CA THR B 565 6.09 21.67 -37.67
C THR B 565 5.98 20.28 -37.05
N SER B 566 5.24 19.42 -37.72
CA SER B 566 5.00 18.07 -37.21
C SER B 566 6.26 17.23 -37.28
N PHE B 567 6.51 16.46 -36.23
CA PHE B 567 7.57 15.45 -36.20
C PHE B 567 6.91 14.07 -36.27
N ILE B 568 7.09 13.39 -37.40
CA ILE B 568 6.43 12.12 -37.64
C ILE B 568 7.48 11.01 -37.59
N ILE B 569 7.29 10.07 -36.66
CA ILE B 569 8.10 8.86 -36.58
C ILE B 569 7.20 7.71 -36.98
N ALA B 570 7.63 6.93 -37.97
CA ALA B 570 6.82 5.82 -38.43
C ALA B 570 7.69 4.84 -39.20
N HIS B 571 7.39 3.55 -39.07
CA HIS B 571 8.02 2.52 -39.87
C HIS B 571 7.25 2.20 -41.14
N ARG B 572 6.08 2.80 -41.32
CA ARG B 572 5.37 2.74 -42.60
C ARG B 572 5.82 3.93 -43.44
N LEU B 573 6.38 3.65 -44.62
CA LEU B 573 6.87 4.73 -45.47
C LEU B 573 5.74 5.51 -46.12
N SER B 574 4.54 4.91 -46.24
CA SER B 574 3.42 5.63 -46.83
C SER B 574 3.03 6.84 -46.00
N THR B 575 3.00 6.69 -44.67
CA THR B 575 2.64 7.82 -43.81
C THR B 575 3.67 8.93 -43.87
N ILE B 576 4.96 8.57 -43.88
CA ILE B 576 6.02 9.57 -43.89
C ILE B 576 6.33 10.08 -45.29
N ARG B 577 5.65 9.57 -46.31
CA ARG B 577 5.87 10.08 -47.66
C ARG B 577 5.46 11.55 -47.74
N ASP B 578 5.92 12.20 -48.81
CA ASP B 578 5.66 13.61 -49.13
C ASP B 578 5.98 14.55 -47.97
N ALA B 579 6.75 14.09 -46.99
CA ALA B 579 7.21 14.96 -45.92
C ALA B 579 8.24 15.96 -46.47
N ASP B 580 8.23 17.16 -45.89
CA ASP B 580 9.14 18.20 -46.36
C ASP B 580 10.60 17.83 -46.12
N LEU B 581 10.88 17.16 -45.02
CA LEU B 581 12.22 16.69 -44.71
C LEU B 581 12.15 15.30 -44.11
N ILE B 582 13.00 14.40 -44.58
CA ILE B 582 13.05 13.02 -44.10
C ILE B 582 14.43 12.77 -43.52
N LEU B 583 14.47 12.29 -42.27
CA LEU B 583 15.71 11.99 -41.58
C LEU B 583 15.85 10.48 -41.44
N VAL B 584 16.95 9.94 -41.94
CA VAL B 584 17.29 8.53 -41.78
C VAL B 584 18.46 8.45 -40.82
N MET B 585 18.25 7.82 -39.67
CA MET B 585 19.29 7.65 -38.67
C MET B 585 19.41 6.18 -38.32
N ASP B 586 20.65 5.71 -38.17
CA ASP B 586 20.94 4.30 -37.98
C ASP B 586 21.25 3.93 -36.54
N SER B 587 22.24 4.58 -35.93
CA SER B 587 22.67 4.26 -34.58
C SER B 587 22.82 5.54 -33.75
N GLY B 588 21.81 6.39 -33.82
CA GLY B 588 21.85 7.67 -33.15
C GLY B 588 22.47 8.79 -33.96
N ARG B 589 22.86 8.54 -35.21
CA ARG B 589 23.42 9.56 -36.08
C ARG B 589 22.67 9.54 -37.39
N ILE B 590 22.37 10.73 -37.91
CA ILE B 590 21.62 10.87 -39.16
C ILE B 590 22.54 10.51 -40.32
N ILE B 591 22.42 9.28 -40.83
CA ILE B 591 23.29 8.85 -41.91
C ILE B 591 22.99 9.62 -43.19
N GLU B 592 21.72 9.91 -43.46
CA GLU B 592 21.34 10.62 -44.67
C GLU B 592 20.03 11.35 -44.41
N ARG B 593 19.81 12.42 -45.17
CA ARG B 593 18.63 13.25 -44.98
C ARG B 593 18.29 13.94 -46.30
N GLY B 594 17.08 14.47 -46.36
CA GLY B 594 16.59 15.15 -47.55
C GLY B 594 15.15 14.80 -47.85
N THR B 595 14.57 15.44 -48.86
CA THR B 595 13.20 15.13 -49.25
C THR B 595 13.14 13.76 -49.93
N HIS B 596 11.93 13.33 -50.26
CA HIS B 596 11.74 12.01 -50.87
C HIS B 596 12.45 11.92 -52.20
N GLU B 597 12.35 12.96 -53.04
CA GLU B 597 12.95 12.93 -54.36
C GLU B 597 14.46 12.84 -54.28
N GLU B 598 15.09 13.69 -53.46
CA GLU B 598 16.54 13.63 -53.30
C GLU B 598 16.97 12.32 -52.65
N LEU B 599 16.20 11.82 -51.68
CA LEU B 599 16.55 10.58 -51.02
C LEU B 599 16.55 9.42 -52.00
N LEU B 600 15.56 9.36 -52.88
CA LEU B 600 15.54 8.31 -53.91
C LEU B 600 16.64 8.52 -54.94
N ALA B 601 16.89 9.77 -55.32
CA ALA B 601 17.92 10.05 -56.33
C ALA B 601 19.30 9.67 -55.83
N ARG B 602 19.61 9.96 -54.57
CA ARG B 602 20.93 9.67 -54.01
C ARG B 602 21.07 8.23 -53.55
N HIS B 603 20.02 7.43 -53.67
CA HIS B 603 20.01 6.02 -53.25
C HIS B 603 20.22 5.99 -51.74
N GLY B 604 21.18 5.23 -51.22
CA GLY B 604 21.42 5.22 -49.79
C GLY B 604 20.48 4.28 -49.06
N ARG B 605 20.40 4.48 -47.75
CA ARG B 605 19.61 3.61 -46.89
C ARG B 605 18.13 3.69 -47.22
N TYR B 606 17.62 4.90 -47.50
CA TYR B 606 16.19 5.06 -47.73
C TYR B 606 15.74 4.33 -48.99
N TRP B 607 16.57 4.34 -50.04
CA TRP B 607 16.20 3.62 -51.25
C TRP B 607 16.10 2.12 -51.01
N GLU B 608 17.06 1.56 -50.26
CA GLU B 608 16.98 0.14 -49.91
C GLU B 608 15.75 -0.13 -49.04
N MET B 609 15.44 0.78 -48.13
CA MET B 609 14.28 0.61 -47.26
C MET B 609 12.98 0.58 -48.07
N THR B 610 12.86 1.48 -49.05
CA THR B 610 11.64 1.55 -49.84
C THR B 610 11.59 0.50 -50.94
N ARG B 611 12.72 -0.11 -51.29
CA ARG B 611 12.70 -1.19 -52.27
C ARG B 611 12.30 -2.53 -51.65
N VAL B 612 12.22 -2.61 -50.32
CA VAL B 612 11.73 -3.82 -49.68
C VAL B 612 10.27 -4.06 -50.03
N HIS B 613 9.48 -2.98 -50.12
CA HIS B 613 8.10 -3.10 -50.56
C HIS B 613 8.02 -3.67 -51.98
N LEU B 614 8.90 -3.21 -52.87
CA LEU B 614 8.96 -3.73 -54.23
C LEU B 614 9.63 -5.09 -54.31
N GLY B 615 10.26 -5.54 -53.25
CA GLY B 615 10.95 -6.83 -53.25
C GLY B 615 12.35 -6.73 -53.79
N GLY B 616 13.03 -7.87 -53.78
CA GLY B 616 14.40 -7.96 -54.25
C GLY B 616 14.92 -9.38 -54.35
#